data_6LTB
#
_entry.id   6LTB
#
_cell.length_a   102.821
_cell.length_b   168.637
_cell.length_c   193.643
_cell.angle_alpha   90.000
_cell.angle_beta   90.000
_cell.angle_gamma   90.000
#
_symmetry.space_group_name_H-M   'C 2 2 21'
#
loop_
_entity.id
_entity.type
_entity.pdbx_description
1 polymer 'Nonribosomal peptide synthetase'
2 non-polymer 'PHOSPHOAMINOPHOSPHONIC ACID-ADENYLATE ESTER'
3 water water
#
_entity_poly.entity_id   1
_entity_poly.type   'polypeptide(L)'
_entity_poly.pdbx_seq_one_letter_code
;MNHKVHHHHHHIEGRHMTISVPGHGTLGAPDGAAAPGGEAAELPPLVPEPGDAGQPFPLTPTQQALWVGRADAVDLGDIG
CYGYFEWERPELDLARYRRAWERLVAHHPGLRTVVRPDGTQHVLERPGPVPITVEDLRQDPDAVRRLEESRAERGHRALD
PGTWPMFDLRVVLLSGRVRVQLGIDLQLMDASSLFLNLFSDLVTLYDDPDAALASQKLAFRDFARWLEEDVRGGARWRAD
WAYWQERLDGLPPAPDLPAARYGAQGPGKFERCMVRCPAEEFALLRERALAHGLTETELLVGAFAEVLRGWSSDPAFTLN
VPVFQRFDVPGIEDVIGDYTNPILLEARPEGRTVAERIVALAARLRADTRHASVNGVEVLRELARRRGLAAAAMPVVVTS
LLGLPSAARSITEFGTEVHSITQTPQVSLDFQIRPEDGELRLVWDHRSGAFAPGVVEGAFEAFLDLVGRMLADEPGHGVW
EAPFADMRSRRDRAVWNETNDTAEPVPAVLLQERFFAQARRTPDAEAVVASGLRLTYDELARHAYRIGNTLRERGVRPGD
LVGVVMEKGWEQYAAVYGILAAGGAYLPIDAASPRGRVARLLESAGAGIVLTQSRLRDELDLPAGTTVLRADTDFETAST
APLTPVQGPDDPAYVIYTSGSTGEPKGVVVAHRGVANLVRDVRRRFAVTPADRLLALSGLHFDASVYDVFGPLACGATVV
VPPPFRRAEPDVWAELVRDERVTFWNSVPVLLELLVGEAESRDDRPLATLRLAVVSGDWIPLDLPGRARAQAPGLRVVGS
GGPTETICWSLFHPIDAVDPQWTSIPYGKPIANQRYYIVDRDLRPRPTWARGEMAVASPLGLALGYLNDPERTAAKFVTL
PGTGERAYLTGDFGRLLPDGGIEILGREDFQVKVAGQRIELGEIEALLHRADGVRAAVVTAPRSSADVVRLQAFVVPETG
ARLSADALREHLSAELPAAMVPAAIRLLPELPLTANGKVDRLALARLAAAPEEAPEPEARTDYAPRTDVGLLAELVAACV
AELLGLDEVPTTGNFFRLGGDALSGTRLASRLQDLLGAPVPIRTVFGNPVLGDLASAIAGDPAAGPQAIRVARLLHTLEE
PDEKPGEKPDAEPAGEPDAGSRTSAWSHPQFEK
;
_entity_poly.pdbx_strand_id   A
#
# COMPACT_ATOMS: atom_id res chain seq x y z
N ALA A 40 18.07 34.62 -8.85
CA ALA A 40 19.46 34.17 -8.79
C ALA A 40 20.37 35.21 -8.10
N ALA A 41 20.43 35.14 -6.77
CA ALA A 41 21.34 35.96 -5.96
C ALA A 41 22.77 35.45 -6.10
N GLU A 42 23.61 36.18 -6.85
CA GLU A 42 24.98 35.75 -7.14
C GLU A 42 25.69 35.28 -5.86
N LEU A 43 26.55 34.14 -6.01
CA LEU A 43 27.29 33.44 -4.96
C LEU A 43 28.69 34.02 -4.79
N PRO A 44 29.23 33.94 -3.57
CA PRO A 44 30.60 34.44 -3.31
C PRO A 44 31.64 33.58 -4.01
N PRO A 45 32.86 34.07 -4.17
CA PRO A 45 33.86 33.31 -4.94
C PRO A 45 34.60 32.31 -4.06
N LEU A 46 35.33 31.42 -4.71
CA LEU A 46 36.09 30.41 -3.99
C LEU A 46 37.54 30.89 -3.86
N VAL A 47 38.04 30.88 -2.63
CA VAL A 47 39.39 31.35 -2.36
C VAL A 47 40.27 30.15 -2.02
N PRO A 48 40.84 29.46 -3.03
CA PRO A 48 41.65 28.28 -2.72
C PRO A 48 42.69 28.60 -1.65
N GLU A 49 42.68 27.82 -0.57
CA GLU A 49 43.57 28.03 0.57
C GLU A 49 44.66 26.95 0.66
N PRO A 50 45.62 26.89 -0.28
CA PRO A 50 46.56 25.76 -0.29
C PRO A 50 47.43 25.65 0.95
N GLY A 51 47.53 26.70 1.76
CA GLY A 51 48.35 26.60 2.96
C GLY A 51 47.98 25.41 3.83
N ASP A 52 46.69 25.08 3.88
CA ASP A 52 46.18 24.08 4.81
C ASP A 52 45.68 22.84 4.09
N ALA A 53 46.15 22.63 2.86
CA ALA A 53 45.65 21.58 1.99
C ALA A 53 45.44 20.24 2.72
N GLY A 54 46.19 20.00 3.79
CA GLY A 54 46.04 18.79 4.58
C GLY A 54 45.50 19.02 5.97
N GLN A 55 45.01 20.23 6.30
CA GLN A 55 44.39 20.59 7.57
C GLN A 55 42.90 20.28 7.55
N PRO A 56 42.40 19.58 8.62
CA PRO A 56 41.03 19.04 8.62
C PRO A 56 39.92 19.92 8.04
N PHE A 57 38.90 19.25 7.53
CA PHE A 57 37.72 19.89 6.99
C PHE A 57 36.55 18.98 7.27
N PRO A 58 35.32 19.45 7.04
CA PRO A 58 34.15 18.65 7.42
C PRO A 58 33.64 17.80 6.28
N LEU A 59 33.01 16.69 6.67
CA LEU A 59 32.28 15.88 5.72
C LEU A 59 31.16 16.70 5.09
N THR A 60 30.95 16.48 3.79
CA THR A 60 29.77 17.02 3.13
C THR A 60 28.52 16.42 3.77
N PRO A 61 27.38 17.13 3.72
CA PRO A 61 26.19 16.63 4.40
C PRO A 61 25.81 15.24 3.95
N THR A 62 26.00 14.99 2.67
CA THR A 62 25.64 13.71 2.11
C THR A 62 26.64 12.63 2.50
N GLN A 63 27.88 13.03 2.86
CA GLN A 63 28.87 12.11 3.41
C GLN A 63 28.64 11.85 4.89
N GLN A 64 28.17 12.86 5.62
CA GLN A 64 27.92 12.73 7.06
C GLN A 64 26.80 11.74 7.34
N ALA A 65 25.84 11.65 6.41
CA ALA A 65 24.75 10.70 6.51
C ALA A 65 25.22 9.26 6.31
N LEU A 66 26.23 9.06 5.45
CA LEU A 66 26.78 7.72 5.22
C LEU A 66 27.66 7.24 6.36
N TRP A 67 28.13 8.17 7.20
CA TRP A 67 29.02 7.91 8.32
C TRP A 67 28.29 7.37 9.55
N VAL A 68 26.97 7.52 9.61
CA VAL A 68 26.21 7.06 10.76
C VAL A 68 25.53 5.72 10.44
N GLY A 69 25.10 5.54 9.18
CA GLY A 69 24.40 4.35 8.74
C GLY A 69 25.29 3.16 8.36
N GLY A 80 26.82 -2.98 5.45
CA GLY A 80 27.91 -2.14 4.98
C GLY A 80 27.51 -1.29 3.79
N CYS A 81 28.36 -0.34 3.41
CA CYS A 81 28.13 0.46 2.21
C CYS A 81 29.42 0.51 1.37
N TYR A 82 29.54 -0.41 0.39
CA TYR A 82 30.70 -0.48 -0.48
C TYR A 82 30.23 -0.84 -1.89
N GLY A 83 30.31 0.12 -2.82
CA GLY A 83 30.08 -0.19 -4.23
C GLY A 83 31.25 -0.98 -4.82
N TYR A 84 30.92 -1.92 -5.71
CA TYR A 84 31.88 -2.91 -6.17
C TYR A 84 31.87 -3.02 -7.69
N PHE A 85 33.04 -3.29 -8.27
CA PHE A 85 33.19 -3.41 -9.71
C PHE A 85 34.19 -4.50 -10.02
N GLU A 86 33.90 -5.30 -11.02
CA GLU A 86 34.75 -6.44 -11.39
C GLU A 86 34.76 -6.49 -12.91
N TRP A 87 35.88 -6.12 -13.52
CA TRP A 87 36.06 -6.24 -14.95
C TRP A 87 36.97 -7.40 -15.28
N GLU A 88 36.88 -7.88 -16.52
CA GLU A 88 37.69 -9.00 -16.97
C GLU A 88 38.36 -8.60 -18.28
N ARG A 89 39.57 -9.11 -18.50
CA ARG A 89 40.31 -8.90 -19.74
C ARG A 89 41.30 -10.05 -19.91
N PRO A 90 41.88 -10.22 -21.08
CA PRO A 90 42.77 -11.36 -21.28
C PRO A 90 44.12 -11.19 -20.57
N GLU A 91 44.76 -10.06 -20.84
CA GLU A 91 46.06 -9.72 -20.31
C GLU A 91 45.91 -8.53 -19.35
N LEU A 92 46.79 -8.45 -18.36
CA LEU A 92 46.96 -7.21 -17.60
C LEU A 92 48.42 -7.08 -17.23
N ASP A 93 49.07 -6.02 -17.72
CA ASP A 93 50.44 -5.69 -17.31
C ASP A 93 50.34 -5.18 -15.88
N LEU A 94 50.60 -6.06 -14.90
CA LEU A 94 50.45 -5.68 -13.49
C LEU A 94 51.39 -4.54 -13.10
N ALA A 95 52.65 -4.58 -13.55
CA ALA A 95 53.56 -3.50 -13.22
C ALA A 95 53.05 -2.16 -13.74
N ARG A 96 52.59 -2.14 -15.01
CA ARG A 96 51.96 -0.94 -15.58
C ARG A 96 50.71 -0.54 -14.80
N TYR A 97 49.86 -1.52 -14.46
CA TYR A 97 48.65 -1.25 -13.69
C TYR A 97 48.97 -0.62 -12.33
N ARG A 98 49.95 -1.17 -11.62
CA ARG A 98 50.35 -0.58 -10.34
C ARG A 98 50.99 0.79 -10.54
N ARG A 99 51.78 0.95 -11.59
CA ARG A 99 52.27 2.28 -11.90
C ARG A 99 51.12 3.25 -12.14
N ALA A 100 50.02 2.77 -12.71
CA ALA A 100 48.86 3.64 -12.97
C ALA A 100 48.18 4.07 -11.69
N TRP A 101 47.97 3.15 -10.73
CA TRP A 101 47.30 3.50 -9.49
C TRP A 101 48.19 4.26 -8.55
N GLU A 102 49.51 4.18 -8.69
CA GLU A 102 50.35 4.99 -7.82
C GLU A 102 50.33 6.45 -8.28
N ARG A 103 50.35 6.68 -9.59
CA ARG A 103 50.16 8.02 -10.14
C ARG A 103 48.77 8.54 -9.81
N LEU A 104 47.75 7.66 -9.82
CA LEU A 104 46.38 8.06 -9.54
C LEU A 104 46.26 8.57 -8.12
N VAL A 105 46.70 7.74 -7.15
CA VAL A 105 46.66 8.12 -5.74
C VAL A 105 47.37 9.45 -5.53
N ALA A 106 48.50 9.65 -6.22
CA ALA A 106 49.25 10.89 -6.03
C ALA A 106 48.53 12.10 -6.65
N HIS A 107 47.97 11.94 -7.85
CA HIS A 107 47.38 13.09 -8.54
C HIS A 107 46.15 13.62 -7.81
N HIS A 108 45.31 12.73 -7.26
CA HIS A 108 43.98 13.06 -6.80
C HIS A 108 43.89 13.11 -5.27
N PRO A 109 43.95 14.33 -4.64
CA PRO A 109 43.83 14.43 -3.17
C PRO A 109 42.76 13.52 -2.60
N GLY A 110 41.58 13.43 -3.25
CA GLY A 110 40.47 12.65 -2.72
C GLY A 110 40.81 11.20 -2.47
N LEU A 111 41.66 10.61 -3.32
CA LEU A 111 42.12 9.23 -3.16
C LEU A 111 43.07 9.05 -2.00
N ARG A 112 43.50 10.15 -1.38
CA ARG A 112 44.34 10.13 -0.20
C ARG A 112 43.61 10.72 0.99
N THR A 113 42.30 10.83 0.92
CA THR A 113 41.54 11.45 2.00
C THR A 113 40.96 10.34 2.87
N VAL A 114 41.16 10.47 4.19
CA VAL A 114 40.58 9.56 5.17
C VAL A 114 39.85 10.36 6.24
N VAL A 115 38.97 9.67 6.95
CA VAL A 115 38.10 10.27 7.95
C VAL A 115 38.69 10.00 9.33
N ARG A 116 38.93 11.07 10.11
CA ARG A 116 39.44 10.93 11.47
C ARG A 116 38.41 10.22 12.33
N PRO A 117 38.80 9.71 13.51
CA PRO A 117 37.76 9.21 14.43
C PRO A 117 36.80 10.29 14.90
N ASP A 118 37.26 11.57 15.01
CA ASP A 118 36.44 12.69 15.48
C ASP A 118 35.43 13.15 14.47
N GLY A 119 35.18 12.40 13.39
CA GLY A 119 34.13 12.79 12.47
C GLY A 119 34.49 13.83 11.44
N THR A 120 35.78 14.13 11.25
CA THR A 120 36.27 14.98 10.15
C THR A 120 37.32 14.23 9.32
N GLN A 121 37.86 14.92 8.31
CA GLN A 121 38.68 14.26 7.30
C GLN A 121 39.81 15.18 6.85
N HIS A 122 40.89 14.58 6.32
CA HIS A 122 42.01 15.32 5.78
C HIS A 122 42.68 14.49 4.69
N VAL A 123 43.63 15.12 4.00
CA VAL A 123 44.37 14.54 2.87
C VAL A 123 45.77 14.15 3.34
N LEU A 124 46.03 12.86 3.49
CA LEU A 124 47.40 12.40 3.75
C LEU A 124 48.36 12.85 2.65
N GLU A 125 49.54 13.33 3.06
CA GLU A 125 50.51 13.86 2.09
C GLU A 125 51.30 12.73 1.43
N ARG A 126 51.59 11.66 2.16
CA ARG A 126 52.22 10.47 1.58
C ARG A 126 51.63 9.28 2.32
N PRO A 127 50.69 8.57 1.70
CA PRO A 127 49.98 7.49 2.40
C PRO A 127 50.69 6.16 2.36
N GLY A 128 51.37 5.84 1.27
CA GLY A 128 52.06 4.58 1.16
C GLY A 128 51.98 4.04 -0.24
N PRO A 129 52.56 2.86 -0.48
CA PRO A 129 52.31 2.19 -1.76
C PRO A 129 50.89 1.65 -1.77
N VAL A 130 50.26 1.72 -2.92
CA VAL A 130 48.84 1.33 -3.02
C VAL A 130 48.74 -0.20 -2.93
N PRO A 131 47.90 -0.73 -2.05
CA PRO A 131 47.82 -2.18 -1.89
C PRO A 131 47.01 -2.81 -3.00
N ILE A 132 47.62 -3.76 -3.71
CA ILE A 132 46.96 -4.50 -4.78
C ILE A 132 47.17 -5.98 -4.48
N THR A 133 46.18 -6.62 -3.87
CA THR A 133 46.24 -8.05 -3.57
C THR A 133 46.10 -8.83 -4.86
N VAL A 134 47.08 -9.68 -5.19
CA VAL A 134 46.96 -10.56 -6.33
C VAL A 134 46.62 -11.94 -5.84
N GLU A 135 45.76 -12.65 -6.56
CA GLU A 135 45.32 -13.99 -6.20
C GLU A 135 45.56 -14.88 -7.41
N ASP A 136 46.50 -15.81 -7.28
CA ASP A 136 46.85 -16.70 -8.38
C ASP A 136 45.92 -17.89 -8.35
N LEU A 137 45.19 -18.11 -9.45
CA LEU A 137 44.13 -19.12 -9.51
C LEU A 137 44.16 -19.83 -10.84
N ARG A 138 45.34 -20.04 -11.39
CA ARG A 138 45.36 -20.61 -12.74
C ARG A 138 45.41 -22.14 -12.70
N GLN A 139 46.11 -22.70 -11.73
CA GLN A 139 46.13 -24.16 -11.51
C GLN A 139 45.07 -24.60 -10.50
N ASP A 140 43.82 -24.27 -10.79
CA ASP A 140 42.66 -24.57 -9.95
C ASP A 140 41.47 -24.88 -10.86
N PRO A 141 41.03 -26.13 -10.96
CA PRO A 141 39.84 -26.43 -11.76
C PRO A 141 38.58 -25.95 -11.04
N ASP A 142 37.58 -25.57 -11.84
CA ASP A 142 36.41 -24.85 -11.33
C ASP A 142 36.86 -23.63 -10.51
N ALA A 143 37.69 -22.79 -11.17
CA ALA A 143 38.24 -21.61 -10.51
C ALA A 143 37.20 -20.50 -10.34
N VAL A 144 36.35 -20.30 -11.36
CA VAL A 144 35.28 -19.31 -11.27
C VAL A 144 34.34 -19.62 -10.10
N ARG A 145 34.24 -20.91 -9.74
CA ARG A 145 33.54 -21.29 -8.51
C ARG A 145 34.28 -20.74 -7.28
N ARG A 146 35.56 -21.10 -7.11
CA ARG A 146 36.34 -20.60 -5.99
C ARG A 146 36.45 -19.08 -6.01
N LEU A 147 36.28 -18.46 -7.18
CA LEU A 147 36.35 -17.00 -7.32
C LEU A 147 35.11 -16.32 -6.72
N GLU A 148 33.91 -16.70 -7.20
CA GLU A 148 32.70 -16.13 -6.64
C GLU A 148 32.59 -16.36 -5.14
N GLU A 149 33.28 -17.38 -4.60
CA GLU A 149 33.27 -17.66 -3.17
C GLU A 149 33.90 -16.55 -2.32
N SER A 150 34.72 -15.68 -2.92
CA SER A 150 35.32 -14.54 -2.21
C SER A 150 34.24 -13.47 -2.02
N ARG A 151 33.49 -13.59 -0.92
CA ARG A 151 32.45 -12.62 -0.55
C ARG A 151 32.41 -12.44 0.97
N LEU A 159 36.22 -3.19 4.97
CA LEU A 159 36.54 -1.85 4.49
C LEU A 159 35.79 -0.76 5.28
N ASP A 160 36.49 0.34 5.53
CA ASP A 160 36.16 1.36 6.53
C ASP A 160 36.78 2.71 6.15
N PRO A 161 36.06 3.81 6.36
CA PRO A 161 36.65 5.14 6.08
C PRO A 161 37.70 5.58 7.06
N GLY A 162 37.94 4.82 8.13
CA GLY A 162 38.93 5.25 9.10
C GLY A 162 40.34 4.90 8.69
N THR A 163 40.50 3.82 7.94
CA THR A 163 41.81 3.33 7.54
C THR A 163 41.97 3.52 6.04
N TRP A 164 43.02 4.26 5.64
CA TRP A 164 43.40 4.37 4.23
C TRP A 164 43.94 3.03 3.71
N PRO A 165 43.54 2.61 2.49
CA PRO A 165 42.70 3.40 1.59
C PRO A 165 41.22 3.12 1.77
N MET A 166 40.39 4.03 1.29
CA MET A 166 38.97 3.79 1.21
C MET A 166 38.59 3.05 -0.03
N PHE A 167 39.53 2.33 -0.64
CA PHE A 167 39.20 1.41 -1.71
C PHE A 167 39.93 0.10 -1.47
N ASP A 168 39.59 -0.90 -2.27
CA ASP A 168 40.17 -2.24 -2.17
C ASP A 168 40.50 -2.70 -3.59
N LEU A 169 41.77 -3.01 -3.85
CA LEU A 169 42.22 -3.33 -5.21
C LEU A 169 42.69 -4.78 -5.25
N ARG A 170 42.04 -5.60 -6.07
CA ARG A 170 42.50 -6.98 -6.27
C ARG A 170 42.62 -7.28 -7.75
N VAL A 171 43.45 -8.27 -8.05
CA VAL A 171 43.54 -8.84 -9.38
C VAL A 171 43.55 -10.33 -9.15
N VAL A 172 42.92 -11.07 -10.04
CA VAL A 172 42.75 -12.51 -9.88
C VAL A 172 43.17 -13.14 -11.20
N LEU A 173 44.28 -13.84 -11.17
CA LEU A 173 44.80 -14.47 -12.38
C LEU A 173 44.09 -15.81 -12.59
N LEU A 174 43.50 -16.01 -13.78
CA LEU A 174 42.86 -17.27 -14.16
C LEU A 174 43.44 -17.74 -15.48
N SER A 175 43.03 -18.94 -15.93
CA SER A 175 43.52 -19.42 -17.22
C SER A 175 43.11 -18.51 -18.37
N GLY A 176 44.08 -17.84 -18.99
CA GLY A 176 43.83 -17.08 -20.21
C GLY A 176 42.84 -15.94 -20.10
N ARG A 177 42.82 -15.25 -18.96
CA ARG A 177 41.96 -14.10 -18.69
C ARG A 177 42.21 -13.70 -17.24
N VAL A 178 41.96 -12.42 -16.88
CA VAL A 178 42.26 -11.91 -15.54
C VAL A 178 41.12 -11.00 -15.09
N ARG A 179 40.88 -10.96 -13.78
CA ARG A 179 39.72 -10.27 -13.22
C ARG A 179 40.19 -9.11 -12.35
N VAL A 180 39.92 -7.90 -12.78
CA VAL A 180 40.22 -6.71 -12.02
C VAL A 180 39.02 -6.41 -11.14
N GLN A 181 39.24 -6.37 -9.83
CA GLN A 181 38.20 -6.10 -8.85
C GLN A 181 38.55 -4.80 -8.11
N LEU A 182 37.59 -3.90 -8.05
CA LEU A 182 37.73 -2.61 -7.37
C LEU A 182 36.56 -2.41 -6.44
N GLY A 183 36.86 -2.27 -5.16
CA GLY A 183 35.86 -2.00 -4.13
C GLY A 183 36.08 -0.58 -3.62
N ILE A 184 34.99 0.14 -3.43
CA ILE A 184 35.05 1.54 -3.06
C ILE A 184 34.00 1.84 -2.01
N ASP A 185 34.34 2.71 -1.08
CA ASP A 185 33.43 3.11 -0.03
C ASP A 185 32.59 4.28 -0.55
N LEU A 186 31.27 4.17 -0.36
CA LEU A 186 30.34 5.14 -0.95
C LEU A 186 30.63 6.58 -0.52
N GLN A 187 31.33 6.77 0.61
CA GLN A 187 31.70 8.13 1.04
C GLN A 187 32.85 8.70 0.24
N LEU A 188 33.71 7.83 -0.29
CA LEU A 188 34.94 8.30 -0.89
C LEU A 188 34.67 9.40 -1.91
N MET A 189 33.69 9.19 -2.78
CA MET A 189 33.32 10.16 -3.80
C MET A 189 31.90 9.85 -4.25
N ASP A 190 31.34 10.75 -5.04
CA ASP A 190 30.00 10.52 -5.53
C ASP A 190 30.03 9.74 -6.85
N ALA A 191 28.86 9.40 -7.37
CA ALA A 191 28.85 8.61 -8.61
C ALA A 191 29.42 9.37 -9.78
N SER A 192 29.42 10.71 -9.76
CA SER A 192 29.88 11.40 -10.95
C SER A 192 31.39 11.56 -10.94
N SER A 193 32.02 11.61 -9.76
CA SER A 193 33.48 11.59 -9.70
C SER A 193 34.04 10.22 -10.03
N LEU A 194 33.35 9.15 -9.60
CA LEU A 194 33.73 7.81 -10.00
C LEU A 194 33.92 7.73 -11.51
N PHE A 195 32.86 8.04 -12.27
CA PHE A 195 32.87 7.83 -13.71
C PHE A 195 33.64 8.92 -14.44
N LEU A 196 33.40 10.18 -14.12
CA LEU A 196 33.96 11.27 -14.92
C LEU A 196 35.44 11.58 -14.58
N ASN A 197 35.93 11.15 -13.42
CA ASN A 197 37.29 11.45 -12.95
C ASN A 197 38.12 10.19 -12.73
N LEU A 198 37.71 9.27 -11.85
CA LEU A 198 38.54 8.11 -11.56
C LEU A 198 38.61 7.17 -12.75
N PHE A 199 37.46 6.70 -13.23
CA PHE A 199 37.41 5.74 -14.34
C PHE A 199 38.10 6.28 -15.59
N SER A 200 37.87 7.54 -15.91
CA SER A 200 38.49 8.14 -17.07
C SER A 200 39.99 8.38 -16.89
N ASP A 201 40.48 8.39 -15.66
CA ASP A 201 41.91 8.51 -15.45
C ASP A 201 42.58 7.16 -15.33
N LEU A 202 41.97 6.21 -14.61
CA LEU A 202 42.46 4.83 -14.64
C LEU A 202 42.69 4.35 -16.08
N VAL A 203 41.86 4.78 -17.03
CA VAL A 203 42.03 4.32 -18.40
C VAL A 203 43.15 5.08 -19.09
N THR A 204 43.18 6.40 -18.95
CA THR A 204 44.31 7.18 -19.46
C THR A 204 45.64 6.63 -18.98
N LEU A 205 45.71 6.30 -17.69
CA LEU A 205 46.98 5.95 -17.07
C LEU A 205 47.37 4.49 -17.30
N TYR A 206 46.43 3.55 -17.26
CA TYR A 206 46.85 2.20 -17.62
C TYR A 206 47.35 2.18 -19.07
N ASP A 207 46.90 3.10 -19.91
CA ASP A 207 47.48 3.22 -21.23
C ASP A 207 48.92 3.72 -21.12
N ASP A 208 49.10 4.95 -20.65
CA ASP A 208 50.43 5.53 -20.41
C ASP A 208 50.50 6.07 -19.00
N PRO A 209 51.05 5.32 -18.04
CA PRO A 209 51.05 5.81 -16.64
C PRO A 209 51.74 7.15 -16.47
N ASP A 210 52.47 7.64 -17.46
CA ASP A 210 53.14 8.92 -17.35
C ASP A 210 52.40 10.03 -18.04
N ALA A 211 51.23 9.72 -18.62
CA ALA A 211 50.57 10.65 -19.52
C ALA A 211 50.16 11.91 -18.78
N ALA A 212 49.95 12.98 -19.55
CA ALA A 212 49.65 14.28 -18.96
C ALA A 212 48.23 14.32 -18.44
N LEU A 213 48.09 14.84 -17.24
CA LEU A 213 46.79 15.08 -16.64
C LEU A 213 46.63 16.58 -16.43
N ALA A 214 45.46 17.10 -16.80
CA ALA A 214 45.07 18.45 -16.43
C ALA A 214 45.43 18.75 -14.97
N SER A 215 46.07 19.90 -14.77
CA SER A 215 46.49 20.33 -13.43
C SER A 215 45.32 20.55 -12.47
N GLN A 216 45.40 19.95 -11.29
CA GLN A 216 44.51 20.28 -10.19
C GLN A 216 44.61 21.76 -9.81
N LYS A 217 43.52 22.50 -9.97
CA LYS A 217 43.56 23.93 -9.73
C LYS A 217 43.01 24.34 -8.37
N LEU A 218 42.30 23.46 -7.68
CA LEU A 218 41.83 23.72 -6.33
C LEU A 218 41.67 22.38 -5.63
N ALA A 219 41.52 22.43 -4.32
CA ALA A 219 41.41 21.19 -3.53
C ALA A 219 39.95 20.85 -3.36
N PHE A 220 39.66 19.57 -3.16
CA PHE A 220 38.27 19.35 -2.80
C PHE A 220 37.99 19.97 -1.44
N ARG A 221 38.99 20.03 -0.56
CA ARG A 221 38.80 20.70 0.73
C ARG A 221 38.51 22.18 0.58
N ASP A 222 39.03 22.81 -0.50
CA ASP A 222 38.69 24.21 -0.77
C ASP A 222 37.23 24.34 -1.16
N PHE A 223 36.72 23.42 -1.98
CA PHE A 223 35.33 23.44 -2.40
C PHE A 223 34.39 23.08 -1.25
N ALA A 224 34.83 22.22 -0.34
CA ALA A 224 33.95 21.79 0.74
C ALA A 224 33.86 22.81 1.88
N ARG A 225 34.92 23.61 2.12
CA ARG A 225 34.82 24.72 3.07
C ARG A 225 34.02 25.86 2.45
N TRP A 226 34.32 26.23 1.20
CA TRP A 226 33.50 27.18 0.45
C TRP A 226 32.01 26.90 0.56
N LEU A 227 31.63 25.64 0.52
CA LEU A 227 30.21 25.32 0.54
C LEU A 227 29.62 25.62 1.89
N GLU A 228 30.23 25.10 2.97
CA GLU A 228 29.60 25.21 4.28
C GLU A 228 29.62 26.64 4.79
N GLU A 229 30.72 27.34 4.59
CA GLU A 229 30.91 28.63 5.24
C GLU A 229 30.58 29.81 4.34
N ASP A 230 30.78 29.70 3.04
CA ASP A 230 30.49 30.83 2.17
C ASP A 230 29.17 30.68 1.44
N VAL A 231 28.59 29.49 1.36
CA VAL A 231 27.36 29.26 0.60
C VAL A 231 26.17 29.04 1.53
N ARG A 232 26.23 27.97 2.36
CA ARG A 232 25.27 27.66 3.42
C ARG A 232 25.11 28.85 4.35
N GLY A 233 23.94 29.47 4.29
CA GLY A 233 23.60 30.62 5.10
C GLY A 233 23.61 31.93 4.36
N GLY A 234 24.18 31.96 3.15
CA GLY A 234 24.34 33.19 2.39
C GLY A 234 23.07 33.79 1.82
N ALA A 235 23.22 34.76 0.92
CA ALA A 235 22.04 35.37 0.30
C ALA A 235 21.17 34.31 -0.35
N ARG A 236 21.73 33.57 -1.31
CA ARG A 236 20.97 32.58 -2.07
C ARG A 236 20.40 31.49 -1.19
N TRP A 237 21.25 30.83 -0.41
CA TRP A 237 20.79 29.71 0.42
C TRP A 237 19.57 30.09 1.26
N ARG A 238 19.44 31.36 1.63
CA ARG A 238 18.29 31.82 2.41
C ARG A 238 17.02 31.91 1.55
N ALA A 239 17.12 32.43 0.33
CA ALA A 239 15.95 32.45 -0.54
C ALA A 239 15.52 31.03 -0.87
N ASP A 240 16.48 30.15 -1.20
CA ASP A 240 16.13 28.77 -1.52
C ASP A 240 15.60 28.02 -0.29
N TRP A 241 16.14 28.31 0.89
CA TRP A 241 15.64 27.64 2.10
C TRP A 241 14.20 28.05 2.42
N ALA A 242 13.81 29.28 2.09
CA ALA A 242 12.40 29.62 2.20
C ALA A 242 11.58 28.80 1.21
N TYR A 243 12.07 28.65 -0.02
CA TYR A 243 11.37 27.84 -1.02
C TYR A 243 10.98 26.49 -0.44
N TRP A 244 11.95 25.82 0.19
CA TRP A 244 11.71 24.47 0.68
C TRP A 244 10.83 24.46 1.92
N GLN A 245 10.99 25.45 2.81
CA GLN A 245 10.18 25.45 4.02
C GLN A 245 8.73 25.83 3.74
N GLU A 246 8.50 26.72 2.75
CA GLU A 246 7.13 26.99 2.28
C GLU A 246 6.44 25.70 1.84
N ARG A 247 7.21 24.76 1.27
CA ARG A 247 6.69 23.54 0.66
C ARG A 247 6.69 22.32 1.59
N LEU A 248 7.48 22.37 2.68
CA LEU A 248 7.89 21.13 3.35
C LEU A 248 6.72 20.39 3.99
N ASP A 249 5.81 21.09 4.64
CA ASP A 249 4.73 20.36 5.30
C ASP A 249 3.79 19.72 4.30
N GLY A 250 3.79 20.18 3.04
CA GLY A 250 3.01 19.60 1.98
C GLY A 250 3.63 18.41 1.26
N LEU A 251 4.88 18.11 1.52
CA LEU A 251 5.56 17.01 0.85
C LEU A 251 4.96 15.66 1.24
N PRO A 252 4.58 14.83 0.28
CA PRO A 252 4.02 13.55 0.61
C PRO A 252 5.11 12.58 1.04
N PRO A 253 4.76 11.52 1.76
CA PRO A 253 5.72 10.46 2.07
C PRO A 253 6.28 9.78 0.82
N ALA A 254 7.48 9.21 1.00
CA ALA A 254 8.10 8.31 0.02
C ALA A 254 7.09 7.29 -0.48
N PRO A 255 7.34 6.69 -1.65
CA PRO A 255 6.39 5.72 -2.21
C PRO A 255 6.13 4.58 -1.24
N ASP A 256 4.83 4.29 -1.01
CA ASP A 256 4.36 3.25 -0.09
C ASP A 256 4.11 1.95 -0.86
N LEU A 257 5.15 1.16 -1.03
CA LEU A 257 4.98 -0.02 -1.86
C LEU A 257 4.77 -1.26 -0.99
N PRO A 258 4.21 -2.34 -1.53
CA PRO A 258 3.86 -3.48 -0.66
C PRO A 258 5.07 -4.25 -0.13
N ALA A 259 5.04 -4.58 1.17
CA ALA A 259 6.15 -5.22 1.86
C ALA A 259 5.86 -6.69 2.20
N ALA A 260 6.93 -7.43 2.52
CA ALA A 260 6.85 -8.84 2.83
C ALA A 260 6.68 -9.08 4.34
N ARG A 261 6.68 -10.35 4.73
CA ARG A 261 6.71 -10.70 6.16
C ARG A 261 7.91 -11.60 6.45
N LYS A 269 22.16 -8.71 -0.36
CA LYS A 269 20.97 -7.96 0.02
C LYS A 269 20.38 -7.17 -1.15
N PHE A 270 21.17 -6.88 -2.20
CA PHE A 270 20.76 -6.02 -3.32
C PHE A 270 20.67 -6.78 -4.64
N GLU A 271 19.51 -6.71 -5.30
CA GLU A 271 19.27 -7.34 -6.60
C GLU A 271 19.24 -6.28 -7.71
N ARG A 272 19.20 -6.75 -8.98
CA ARG A 272 19.25 -5.85 -10.14
C ARG A 272 18.15 -6.20 -11.14
N CYS A 273 17.60 -5.16 -11.75
CA CYS A 273 16.80 -5.23 -12.97
C CYS A 273 17.45 -4.26 -13.94
N MET A 274 17.60 -4.69 -15.19
CA MET A 274 18.48 -3.93 -16.06
C MET A 274 18.00 -4.03 -17.50
N VAL A 275 18.23 -2.96 -18.24
CA VAL A 275 18.05 -2.98 -19.68
C VAL A 275 19.08 -1.99 -20.22
N ARG A 276 19.50 -2.19 -21.46
CA ARG A 276 20.33 -1.24 -22.17
C ARG A 276 19.57 -0.79 -23.41
N CYS A 277 19.56 0.51 -23.65
CA CYS A 277 18.95 1.01 -24.86
C CYS A 277 20.01 1.23 -25.92
N PRO A 278 19.92 0.57 -27.08
CA PRO A 278 20.93 0.79 -28.12
C PRO A 278 20.92 2.23 -28.57
N ALA A 279 22.02 2.60 -29.22
CA ALA A 279 22.19 3.95 -29.73
C ALA A 279 20.94 4.46 -30.47
N GLU A 280 20.38 3.65 -31.38
CA GLU A 280 19.25 4.12 -32.17
C GLU A 280 18.00 4.33 -31.32
N GLU A 281 17.79 3.51 -30.29
CA GLU A 281 16.62 3.68 -29.45
C GLU A 281 16.85 4.76 -28.41
N PHE A 282 18.10 4.93 -27.97
CA PHE A 282 18.45 6.08 -27.16
C PHE A 282 18.12 7.38 -27.91
N ALA A 283 18.50 7.44 -29.19
CA ALA A 283 18.29 8.64 -29.98
C ALA A 283 16.83 8.99 -30.10
N LEU A 284 16.00 7.98 -30.38
CA LEU A 284 14.56 8.16 -30.48
C LEU A 284 13.95 8.56 -29.14
N LEU A 285 14.35 7.89 -28.06
CA LEU A 285 13.92 8.29 -26.73
C LEU A 285 14.17 9.78 -26.47
N ARG A 286 15.28 10.31 -27.00
CA ARG A 286 15.61 11.70 -26.79
C ARG A 286 14.68 12.60 -27.60
N GLU A 287 14.42 12.23 -28.86
CA GLU A 287 13.48 12.96 -29.70
C GLU A 287 12.10 12.95 -29.07
N ARG A 288 11.71 11.80 -28.52
CA ARG A 288 10.44 11.70 -27.82
C ARG A 288 10.37 12.67 -26.66
N ALA A 289 11.44 12.78 -25.86
CA ALA A 289 11.46 13.72 -24.74
C ALA A 289 11.44 15.16 -25.23
N LEU A 290 12.39 15.52 -26.10
CA LEU A 290 12.39 16.87 -26.66
C LEU A 290 11.04 17.25 -27.25
N ALA A 291 10.33 16.29 -27.86
CA ALA A 291 9.04 16.62 -28.45
C ALA A 291 8.10 17.25 -27.43
N HIS A 292 8.28 16.95 -26.13
CA HIS A 292 7.52 17.52 -25.03
C HIS A 292 8.34 18.56 -24.25
N GLY A 293 9.45 19.04 -24.84
CA GLY A 293 10.34 19.96 -24.15
C GLY A 293 10.97 19.40 -22.89
N LEU A 294 11.08 18.07 -22.80
CA LEU A 294 11.66 17.40 -21.64
C LEU A 294 13.05 16.87 -21.95
N THR A 295 13.89 16.84 -20.93
CA THR A 295 15.16 16.14 -21.00
C THR A 295 14.93 14.65 -20.78
N GLU A 296 15.89 13.84 -21.24
CA GLU A 296 15.75 12.40 -21.14
C GLU A 296 15.53 11.99 -19.71
N THR A 297 16.16 12.71 -18.76
CA THR A 297 15.95 12.38 -17.36
C THR A 297 14.57 12.82 -16.89
N GLU A 298 14.09 13.96 -17.38
CA GLU A 298 12.73 14.37 -17.03
C GLU A 298 11.71 13.34 -17.48
N LEU A 299 11.85 12.84 -18.72
CA LEU A 299 10.93 11.82 -19.21
C LEU A 299 11.01 10.54 -18.40
N LEU A 300 12.21 10.10 -18.06
CA LEU A 300 12.33 8.82 -17.36
C LEU A 300 11.87 8.91 -15.91
N VAL A 301 12.08 10.06 -15.27
CA VAL A 301 11.57 10.28 -13.92
C VAL A 301 10.05 10.30 -13.95
N GLY A 302 9.49 10.97 -14.97
CA GLY A 302 8.05 11.01 -15.13
C GLY A 302 7.43 9.66 -15.44
N ALA A 303 8.08 8.86 -16.29
CA ALA A 303 7.58 7.50 -16.54
C ALA A 303 7.71 6.64 -15.29
N PHE A 304 8.83 6.79 -14.57
CA PHE A 304 9.05 6.02 -13.35
C PHE A 304 7.97 6.27 -12.32
N ALA A 305 7.53 7.52 -12.14
CA ALA A 305 6.47 7.79 -11.18
C ALA A 305 5.15 7.16 -11.64
N GLU A 306 4.79 7.28 -12.94
CA GLU A 306 3.62 6.59 -13.46
C GLU A 306 3.62 5.11 -13.10
N VAL A 307 4.75 4.42 -13.33
CA VAL A 307 4.87 3.01 -12.99
C VAL A 307 4.71 2.81 -11.49
N LEU A 308 5.40 3.62 -10.69
CA LEU A 308 5.36 3.47 -9.24
C LEU A 308 3.95 3.60 -8.68
N ARG A 309 3.04 4.28 -9.38
CA ARG A 309 1.67 4.43 -8.91
C ARG A 309 0.83 3.16 -9.10
N GLY A 310 1.26 2.24 -9.96
CA GLY A 310 0.57 0.99 -10.09
C GLY A 310 0.49 0.24 -8.77
N TRP A 311 1.54 0.36 -7.95
CA TRP A 311 1.65 -0.43 -6.73
C TRP A 311 1.56 0.39 -5.45
N SER A 312 1.87 1.67 -5.50
CA SER A 312 1.87 2.48 -4.29
C SER A 312 0.48 2.61 -3.70
N SER A 313 0.44 2.81 -2.37
CA SER A 313 -0.81 2.95 -1.63
C SER A 313 -1.48 4.26 -1.95
N ASP A 314 -0.70 5.34 -2.04
CA ASP A 314 -1.21 6.66 -2.30
C ASP A 314 -0.57 7.13 -3.60
N PRO A 315 -1.36 7.69 -4.52
CA PRO A 315 -0.81 8.21 -5.77
C PRO A 315 0.31 9.21 -5.60
N ALA A 316 0.39 9.89 -4.44
CA ALA A 316 1.33 10.99 -4.24
C ALA A 316 2.46 10.53 -3.32
N PHE A 317 3.69 10.62 -3.84
CA PHE A 317 4.89 10.27 -3.11
C PHE A 317 5.97 11.31 -3.37
N THR A 318 7.06 11.21 -2.62
CA THR A 318 8.25 12.01 -2.83
C THR A 318 9.40 11.14 -3.31
N LEU A 319 9.99 11.50 -4.43
CA LEU A 319 11.16 10.79 -4.90
C LEU A 319 12.42 11.59 -4.57
N ASN A 320 13.48 10.84 -4.27
CA ASN A 320 14.82 11.39 -4.05
C ASN A 320 15.54 11.46 -5.40
N VAL A 321 15.74 12.67 -5.92
CA VAL A 321 16.35 12.82 -7.23
C VAL A 321 17.64 13.61 -7.12
N PRO A 322 18.75 12.98 -6.73
CA PRO A 322 20.00 13.70 -6.57
C PRO A 322 20.56 14.26 -7.88
N VAL A 323 21.06 15.48 -7.77
CA VAL A 323 21.83 16.14 -8.83
C VAL A 323 23.26 16.26 -8.37
N PHE A 324 24.17 16.30 -9.33
CA PHE A 324 25.60 16.35 -9.04
C PHE A 324 26.22 17.64 -9.53
N GLN A 325 25.80 18.78 -8.97
CA GLN A 325 26.26 20.07 -9.45
CA GLN A 325 26.23 20.09 -9.42
C GLN A 325 27.52 20.50 -8.71
N ARG A 326 28.47 21.02 -9.47
CA ARG A 326 29.76 21.48 -8.99
C ARG A 326 29.90 22.99 -9.08
N PHE A 327 28.83 23.68 -9.49
CA PHE A 327 28.71 25.14 -9.45
C PHE A 327 29.65 25.86 -10.41
N ASP A 328 30.11 25.21 -11.48
CA ASP A 328 30.95 25.86 -12.49
C ASP A 328 32.17 26.57 -11.87
N VAL A 329 32.61 26.14 -10.68
CA VAL A 329 33.90 26.60 -10.14
C VAL A 329 34.97 26.27 -11.17
N PRO A 330 35.87 27.19 -11.51
CA PRO A 330 36.94 26.83 -12.45
C PRO A 330 37.81 25.73 -11.86
N GLY A 331 38.05 24.69 -12.66
CA GLY A 331 38.92 23.61 -12.26
C GLY A 331 38.27 22.53 -11.44
N ILE A 332 36.99 22.65 -11.10
CA ILE A 332 36.32 21.61 -10.31
C ILE A 332 35.89 20.45 -11.18
N GLU A 333 35.99 20.58 -12.51
CA GLU A 333 35.63 19.47 -13.39
C GLU A 333 36.55 18.27 -13.22
N ASP A 334 37.75 18.44 -12.64
CA ASP A 334 38.71 17.36 -12.49
C ASP A 334 38.98 17.00 -11.03
N VAL A 335 38.07 17.32 -10.12
CA VAL A 335 38.36 17.16 -8.71
C VAL A 335 37.50 16.05 -8.13
N ILE A 336 38.15 14.98 -7.71
CA ILE A 336 37.43 13.86 -7.11
C ILE A 336 36.96 14.30 -5.74
N GLY A 337 35.67 14.33 -5.57
CA GLY A 337 35.07 14.59 -4.28
C GLY A 337 33.65 14.11 -4.33
N ASP A 338 32.83 14.62 -3.41
CA ASP A 338 31.43 14.25 -3.27
C ASP A 338 30.55 15.47 -3.55
N TYR A 339 29.76 15.39 -4.64
CA TYR A 339 28.95 16.53 -5.11
C TYR A 339 27.45 16.29 -5.01
N THR A 340 27.03 15.19 -4.37
CA THR A 340 25.62 14.81 -4.32
C THR A 340 24.77 15.89 -3.68
N ASN A 341 23.54 16.03 -4.18
CA ASN A 341 22.58 16.96 -3.59
C ASN A 341 21.18 16.39 -3.81
N PRO A 342 20.70 15.55 -2.89
CA PRO A 342 19.37 15.01 -3.06
C PRO A 342 18.38 16.15 -3.21
N ILE A 343 17.36 15.90 -4.01
CA ILE A 343 16.27 16.84 -4.23
C ILE A 343 14.99 16.08 -3.98
N LEU A 344 14.14 16.61 -3.11
CA LEU A 344 12.91 15.91 -2.78
C LEU A 344 11.84 16.32 -3.78
N LEU A 345 11.64 15.48 -4.78
CA LEU A 345 10.66 15.75 -5.81
C LEU A 345 9.29 15.33 -5.33
N GLU A 346 8.38 16.30 -5.22
CA GLU A 346 6.97 16.01 -4.95
C GLU A 346 6.33 15.49 -6.21
N ALA A 347 5.74 14.30 -6.13
CA ALA A 347 5.19 13.64 -7.31
C ALA A 347 3.71 13.51 -7.08
N ARG A 348 2.96 14.58 -7.37
CA ARG A 348 1.50 14.48 -7.33
C ARG A 348 0.98 14.39 -8.75
N PRO A 349 0.15 13.40 -9.06
CA PRO A 349 -0.38 13.29 -10.42
C PRO A 349 -1.16 14.54 -10.79
N GLU A 350 -0.70 15.24 -11.86
CA GLU A 350 -1.32 16.47 -12.37
C GLU A 350 -1.56 16.38 -13.86
N GLY A 351 -2.66 15.77 -14.27
CA GLY A 351 -3.01 15.84 -15.66
C GLY A 351 -3.86 14.69 -16.16
N ARG A 352 -4.71 14.96 -17.14
CA ARG A 352 -5.61 13.92 -17.62
C ARG A 352 -4.84 12.77 -18.23
N THR A 353 -3.82 13.09 -19.05
CA THR A 353 -3.06 12.14 -19.86
C THR A 353 -1.69 11.87 -19.29
N VAL A 354 -1.05 10.78 -19.77
CA VAL A 354 0.31 10.43 -19.37
C VAL A 354 1.27 11.56 -19.73
N ALA A 355 1.22 12.01 -20.98
CA ALA A 355 2.07 13.11 -21.39
C ALA A 355 1.87 14.34 -20.50
N GLU A 356 0.60 14.67 -20.20
CA GLU A 356 0.33 15.88 -19.42
C GLU A 356 0.95 15.78 -18.04
N ARG A 357 0.84 14.60 -17.41
CA ARG A 357 1.38 14.45 -16.07
C ARG A 357 2.90 14.48 -16.09
N ILE A 358 3.53 13.81 -17.06
CA ILE A 358 5.00 13.79 -17.13
C ILE A 358 5.55 15.20 -17.30
N VAL A 359 5.00 15.96 -18.26
CA VAL A 359 5.39 17.36 -18.47
C VAL A 359 5.26 18.17 -17.19
N ALA A 360 4.16 17.98 -16.46
CA ALA A 360 3.91 18.76 -15.24
C ALA A 360 4.93 18.45 -14.16
N LEU A 361 5.18 17.18 -13.91
CA LEU A 361 6.20 16.83 -12.91
C LEU A 361 7.57 17.34 -13.34
N ALA A 362 7.82 17.34 -14.66
CA ALA A 362 9.10 17.84 -15.12
C ALA A 362 9.26 19.30 -14.75
N ALA A 363 8.16 20.05 -14.81
CA ALA A 363 8.19 21.45 -14.47
C ALA A 363 8.50 21.67 -13.00
N ARG A 364 8.02 20.76 -12.13
CA ARG A 364 8.30 20.89 -10.71
C ARG A 364 9.75 20.55 -10.38
N LEU A 365 10.24 19.44 -10.93
CA LEU A 365 11.66 19.12 -10.81
C LEU A 365 12.51 20.29 -11.29
N ARG A 366 12.12 20.92 -12.40
CA ARG A 366 12.92 22.05 -12.88
CA ARG A 366 12.88 22.07 -12.89
C ARG A 366 12.96 23.16 -11.83
N ALA A 367 11.79 23.54 -11.29
CA ALA A 367 11.74 24.59 -10.28
C ALA A 367 12.45 24.17 -9.00
N ASP A 368 12.16 22.96 -8.52
CA ASP A 368 12.86 22.44 -7.34
C ASP A 368 14.38 22.55 -7.52
N THR A 369 14.90 22.30 -8.73
CA THR A 369 16.33 22.43 -8.99
C THR A 369 16.79 23.90 -9.06
N ARG A 370 15.94 24.84 -9.49
CA ARG A 370 16.28 26.25 -9.39
C ARG A 370 16.61 26.68 -7.97
N HIS A 371 16.39 25.84 -6.96
CA HIS A 371 16.63 26.19 -5.57
C HIS A 371 17.54 25.16 -4.91
N ALA A 372 18.52 24.67 -5.66
CA ALA A 372 19.41 23.60 -5.22
C ALA A 372 20.62 24.07 -4.40
N SER A 373 20.74 25.37 -4.10
CA SER A 373 21.79 25.77 -3.19
C SER A 373 21.53 25.31 -1.76
N VAL A 374 20.34 24.82 -1.47
CA VAL A 374 20.07 24.11 -0.23
C VAL A 374 20.28 22.62 -0.49
N ASN A 375 21.09 21.97 0.35
CA ASN A 375 21.37 20.56 0.12
C ASN A 375 20.23 19.70 0.64
N GLY A 376 19.73 18.82 -0.20
CA GLY A 376 18.57 18.04 0.18
C GLY A 376 18.67 17.41 1.55
N VAL A 377 19.89 17.12 2.01
CA VAL A 377 20.06 16.47 3.29
C VAL A 377 19.63 17.37 4.44
N GLU A 378 19.63 18.68 4.20
CA GLU A 378 19.09 19.64 5.17
C GLU A 378 17.58 19.64 5.17
N VAL A 379 16.95 19.51 4.01
CA VAL A 379 15.50 19.36 3.98
C VAL A 379 15.09 18.06 4.66
N LEU A 380 15.89 17.00 4.48
CA LEU A 380 15.53 15.76 5.15
C LEU A 380 15.61 15.90 6.65
N ARG A 381 16.61 16.64 7.13
CA ARG A 381 16.74 16.90 8.57
C ARG A 381 15.50 17.61 9.12
N GLU A 382 15.11 18.74 8.52
CA GLU A 382 13.91 19.44 8.95
C GLU A 382 12.67 18.56 8.85
N LEU A 383 12.50 17.90 7.71
CA LEU A 383 11.36 17.02 7.56
C LEU A 383 11.32 15.99 8.68
N ALA A 384 12.49 15.53 9.11
CA ALA A 384 12.55 14.50 10.14
C ALA A 384 12.21 15.05 11.52
N ARG A 385 12.49 16.34 11.77
CA ARG A 385 12.05 16.93 13.03
C ARG A 385 10.53 16.90 13.13
N ARG A 386 9.87 17.26 12.02
CA ARG A 386 8.42 17.46 12.01
C ARG A 386 7.65 16.14 12.15
N ARG A 387 8.03 15.13 11.37
CA ARG A 387 7.47 13.78 11.37
C ARG A 387 8.52 12.86 11.94
N GLY A 388 8.31 11.56 11.86
CA GLY A 388 9.33 10.64 12.34
C GLY A 388 10.71 10.79 11.66
N LEU A 389 11.68 10.10 12.23
CA LEU A 389 12.81 9.68 11.43
C LEU A 389 12.40 8.72 10.31
N ALA A 390 11.48 7.78 10.62
CA ALA A 390 10.93 6.88 9.60
C ALA A 390 10.10 7.64 8.58
N ALA A 391 9.19 8.50 9.05
CA ALA A 391 8.30 9.25 8.18
C ALA A 391 9.02 10.26 7.30
N ALA A 392 10.32 10.45 7.49
CA ALA A 392 11.08 11.34 6.64
C ALA A 392 11.95 10.60 5.64
N ALA A 393 12.14 9.29 5.79
CA ALA A 393 13.00 8.53 4.90
C ALA A 393 12.53 8.61 3.46
N MET A 394 13.44 9.01 2.57
CA MET A 394 13.22 8.96 1.13
C MET A 394 14.12 7.87 0.53
N PRO A 395 13.69 6.61 0.53
CA PRO A 395 14.52 5.50 0.03
C PRO A 395 14.24 5.07 -1.40
N VAL A 396 13.50 5.85 -2.18
CA VAL A 396 13.24 5.58 -3.59
C VAL A 396 13.96 6.68 -4.34
N VAL A 397 15.01 6.32 -5.06
CA VAL A 397 15.97 7.30 -5.58
C VAL A 397 16.04 7.15 -7.09
N VAL A 398 16.09 8.26 -7.81
CA VAL A 398 16.42 8.26 -9.23
C VAL A 398 17.76 8.99 -9.35
N THR A 399 18.84 8.23 -9.57
CA THR A 399 20.18 8.77 -9.68
C THR A 399 20.55 8.75 -11.16
N SER A 400 20.59 9.91 -11.78
CA SER A 400 20.84 9.99 -13.21
C SER A 400 22.17 10.70 -13.48
N LEU A 401 23.04 10.03 -14.21
CA LEU A 401 24.29 10.63 -14.64
C LEU A 401 24.20 11.23 -16.05
N LEU A 402 22.99 11.42 -16.56
CA LEU A 402 22.78 12.16 -17.79
C LEU A 402 22.93 13.64 -17.52
N GLY A 403 23.30 14.39 -18.57
CA GLY A 403 23.47 15.82 -18.42
C GLY A 403 24.79 16.24 -17.80
N LEU A 404 25.79 15.40 -17.92
CA LEU A 404 27.09 15.65 -17.36
C LEU A 404 28.10 15.72 -18.49
N PRO A 405 29.19 16.46 -18.30
CA PRO A 405 30.27 16.50 -19.29
C PRO A 405 30.71 15.11 -19.73
N SER A 406 30.93 14.94 -21.04
CA SER A 406 31.50 13.69 -21.53
C SER A 406 32.94 13.62 -21.01
N ALA A 407 33.37 12.42 -20.60
CA ALA A 407 34.73 12.24 -20.11
C ALA A 407 35.63 11.75 -21.24
N ALA A 408 36.94 11.70 -20.95
CA ALA A 408 37.93 11.42 -21.98
C ALA A 408 37.95 9.94 -22.36
N ARG A 409 37.76 9.04 -21.38
CA ARG A 409 37.85 7.60 -21.58
C ARG A 409 36.74 6.96 -20.77
N SER A 410 36.19 5.89 -21.29
CA SER A 410 35.13 5.16 -20.62
C SER A 410 35.72 3.87 -20.08
N ILE A 411 35.29 3.50 -18.86
CA ILE A 411 35.86 2.33 -18.20
C ILE A 411 35.71 1.10 -19.05
N THR A 412 34.70 1.07 -19.94
CA THR A 412 34.50 -0.07 -20.83
C THR A 412 35.74 -0.34 -21.69
N GLU A 413 36.48 0.71 -22.06
CA GLU A 413 37.75 0.58 -22.77
C GLU A 413 38.80 -0.25 -22.04
N PHE A 414 38.59 -0.55 -20.76
CA PHE A 414 39.58 -1.21 -19.92
C PHE A 414 39.28 -2.67 -19.60
N GLY A 415 38.02 -3.04 -19.49
CA GLY A 415 37.64 -4.43 -19.23
C GLY A 415 36.15 -4.60 -19.39
N THR A 416 35.71 -5.74 -19.91
CA THR A 416 34.28 -5.93 -20.07
C THR A 416 33.68 -6.19 -18.69
N GLU A 417 32.71 -5.36 -18.30
CA GLU A 417 32.14 -5.51 -16.97
C GLU A 417 31.57 -6.91 -16.77
N VAL A 418 31.64 -7.39 -15.53
CA VAL A 418 31.46 -8.80 -15.19
C VAL A 418 30.63 -8.91 -13.92
N HIS A 419 30.58 -7.82 -13.18
CA HIS A 419 29.93 -7.78 -11.89
C HIS A 419 30.00 -6.35 -11.41
N SER A 420 28.91 -5.86 -10.87
CA SER A 420 29.00 -4.61 -10.15
C SER A 420 27.71 -4.47 -9.35
N ILE A 421 27.85 -3.83 -8.20
CA ILE A 421 26.77 -3.68 -7.24
C ILE A 421 27.07 -2.46 -6.39
N THR A 422 26.30 -1.40 -6.57
CA THR A 422 26.27 -0.28 -5.62
C THR A 422 25.15 -0.55 -4.63
N GLN A 423 25.51 -1.10 -3.47
CA GLN A 423 24.55 -1.42 -2.44
C GLN A 423 24.72 -0.37 -1.34
N THR A 424 24.03 0.74 -1.52
CA THR A 424 24.01 1.88 -0.62
C THR A 424 23.00 1.65 0.52
N PRO A 425 23.23 2.23 1.70
CA PRO A 425 22.37 1.94 2.84
C PRO A 425 21.22 2.93 2.95
N GLN A 426 20.09 2.41 3.44
CA GLN A 426 18.88 3.21 3.57
C GLN A 426 18.37 3.67 2.21
N VAL A 427 18.44 2.79 1.24
CA VAL A 427 17.84 2.97 -0.06
C VAL A 427 17.19 1.66 -0.40
N SER A 428 15.89 1.69 -0.71
CA SER A 428 15.18 0.47 -1.02
C SER A 428 15.30 0.15 -2.49
N LEU A 429 15.05 1.15 -3.32
CA LEU A 429 15.02 1.02 -4.76
C LEU A 429 15.71 2.25 -5.34
N ASP A 430 16.71 2.06 -6.19
CA ASP A 430 17.45 3.16 -6.81
C ASP A 430 17.43 2.99 -8.32
N PHE A 431 16.64 3.81 -8.99
CA PHE A 431 16.60 3.85 -10.45
C PHE A 431 17.81 4.63 -10.94
N GLN A 432 18.77 3.90 -11.52
CA GLN A 432 20.02 4.44 -12.04
C GLN A 432 19.90 4.69 -13.54
N ILE A 433 20.11 5.93 -13.98
CA ILE A 433 20.06 6.30 -15.40
C ILE A 433 21.47 6.69 -15.77
N ARG A 434 22.19 5.89 -16.54
CA ARG A 434 23.52 6.32 -16.90
C ARG A 434 23.91 5.94 -18.32
N PRO A 435 24.63 6.82 -19.01
CA PRO A 435 25.03 6.56 -20.38
C PRO A 435 26.34 5.80 -20.39
N GLU A 436 26.45 4.90 -21.35
CA GLU A 436 27.62 4.07 -21.53
C GLU A 436 27.74 3.71 -23.00
N ASP A 437 28.86 4.09 -23.64
CA ASP A 437 29.13 3.67 -25.01
C ASP A 437 28.00 4.08 -25.93
N GLY A 438 27.43 5.24 -25.68
CA GLY A 438 26.38 5.77 -26.53
C GLY A 438 25.13 4.94 -26.55
N GLU A 439 25.09 3.88 -25.75
CA GLU A 439 23.89 3.23 -25.27
C GLU A 439 23.45 3.94 -23.98
N LEU A 440 22.31 3.53 -23.41
CA LEU A 440 21.74 4.16 -22.20
C LEU A 440 21.33 3.04 -21.24
N ARG A 441 22.00 2.96 -20.10
CA ARG A 441 21.74 1.93 -19.09
C ARG A 441 20.59 2.35 -18.17
N LEU A 442 19.57 1.50 -18.06
CA LEU A 442 18.51 1.69 -17.10
C LEU A 442 18.65 0.56 -16.10
N VAL A 443 19.04 0.89 -14.87
CA VAL A 443 19.29 -0.08 -13.81
C VAL A 443 18.40 0.25 -12.62
N TRP A 444 17.75 -0.76 -12.06
CA TRP A 444 17.05 -0.68 -10.77
C TRP A 444 17.79 -1.58 -9.78
N ASP A 445 18.56 -1.01 -8.86
CA ASP A 445 19.08 -1.74 -7.71
C ASP A 445 18.01 -1.69 -6.62
N HIS A 446 17.52 -2.85 -6.18
CA HIS A 446 16.54 -2.90 -5.10
C HIS A 446 17.05 -3.80 -4.00
N ARG A 447 16.57 -3.56 -2.78
CA ARG A 447 17.00 -4.32 -1.62
C ARG A 447 16.10 -5.54 -1.49
N SER A 448 16.67 -6.73 -1.67
CA SER A 448 15.85 -7.94 -1.57
C SER A 448 15.32 -8.05 -0.14
N GLY A 449 14.02 -8.30 -0.03
CA GLY A 449 13.32 -8.24 1.21
C GLY A 449 12.56 -6.97 1.44
N ALA A 450 12.86 -5.90 0.70
CA ALA A 450 12.18 -4.64 0.99
C ALA A 450 10.75 -4.60 0.47
N PHE A 451 10.37 -5.52 -0.41
CA PHE A 451 9.05 -5.48 -1.03
C PHE A 451 8.52 -6.90 -1.18
N ALA A 452 7.20 -6.96 -1.38
CA ALA A 452 6.50 -8.22 -1.60
C ALA A 452 7.10 -8.96 -2.79
N PRO A 453 7.05 -10.30 -2.79
CA PRO A 453 7.69 -11.07 -3.85
C PRO A 453 7.12 -10.71 -5.22
N GLY A 454 8.00 -10.35 -6.13
CA GLY A 454 7.62 -10.02 -7.47
C GLY A 454 7.36 -8.55 -7.71
N VAL A 455 7.08 -7.77 -6.67
CA VAL A 455 6.58 -6.42 -6.89
C VAL A 455 7.56 -5.62 -7.72
N VAL A 456 8.85 -5.73 -7.41
CA VAL A 456 9.86 -5.03 -8.21
C VAL A 456 9.94 -5.62 -9.61
N GLU A 457 10.00 -6.95 -9.71
CA GLU A 457 10.09 -7.55 -11.04
C GLU A 457 8.88 -7.14 -11.89
N GLY A 458 7.68 -7.18 -11.32
CA GLY A 458 6.51 -6.84 -12.08
C GLY A 458 6.38 -5.37 -12.43
N ALA A 459 6.98 -4.50 -11.63
CA ALA A 459 6.99 -3.07 -11.93
C ALA A 459 8.02 -2.74 -12.99
N PHE A 460 9.15 -3.45 -13.00
CA PHE A 460 10.13 -3.29 -14.08
C PHE A 460 9.54 -3.68 -15.43
N GLU A 461 8.74 -4.76 -15.48
CA GLU A 461 8.01 -5.10 -16.69
C GLU A 461 7.13 -3.95 -17.14
N ALA A 462 6.37 -3.40 -16.20
CA ALA A 462 5.46 -2.30 -16.49
C ALA A 462 6.22 -1.11 -17.03
N PHE A 463 7.44 -0.92 -16.54
CA PHE A 463 8.26 0.24 -16.91
C PHE A 463 8.82 0.10 -18.32
N LEU A 464 9.39 -1.06 -18.64
CA LEU A 464 9.81 -1.29 -20.01
C LEU A 464 8.65 -1.18 -20.98
N ASP A 465 7.48 -1.72 -20.60
CA ASP A 465 6.35 -1.66 -21.53
C ASP A 465 5.95 -0.22 -21.76
N LEU A 466 6.08 0.64 -20.74
CA LEU A 466 5.66 2.03 -20.86
C LEU A 466 6.66 2.85 -21.67
N VAL A 467 7.95 2.61 -21.44
CA VAL A 467 9.00 3.20 -22.26
C VAL A 467 8.95 2.67 -23.69
N GLY A 468 8.74 1.36 -23.86
CA GLY A 468 8.54 0.81 -25.18
C GLY A 468 7.42 1.52 -25.91
N ARG A 469 6.30 1.74 -25.22
CA ARG A 469 5.16 2.38 -25.86
C ARG A 469 5.45 3.84 -26.20
N MET A 470 6.26 4.53 -25.42
CA MET A 470 6.70 5.85 -25.82
C MET A 470 7.58 5.81 -27.04
N LEU A 471 8.33 4.71 -27.22
CA LEU A 471 9.19 4.61 -28.40
C LEU A 471 8.39 4.26 -29.62
N ALA A 472 7.29 3.52 -29.45
CA ALA A 472 6.44 3.10 -30.54
C ALA A 472 5.49 4.19 -31.00
N ASP A 473 4.97 4.99 -30.09
CA ASP A 473 3.86 5.88 -30.35
C ASP A 473 4.38 7.29 -30.65
N GLU A 474 3.78 7.97 -31.63
CA GLU A 474 4.19 9.34 -31.91
C GLU A 474 3.62 10.28 -30.87
N PRO A 475 4.42 11.25 -30.43
CA PRO A 475 3.93 12.30 -29.54
C PRO A 475 2.62 12.88 -30.03
N GLY A 476 1.62 12.79 -29.18
CA GLY A 476 0.28 13.27 -29.50
C GLY A 476 -0.70 12.17 -29.71
N HIS A 477 -0.24 10.91 -29.69
CA HIS A 477 -1.07 9.73 -29.95
C HIS A 477 -0.66 8.63 -29.02
N GLY A 478 -1.36 7.51 -29.11
CA GLY A 478 -1.06 6.34 -28.30
C GLY A 478 -0.87 6.67 -26.83
N VAL A 479 0.20 6.11 -26.26
CA VAL A 479 0.42 6.13 -24.82
C VAL A 479 0.52 7.54 -24.30
N TRP A 480 1.02 8.48 -25.11
CA TRP A 480 1.16 9.86 -24.66
C TRP A 480 -0.17 10.47 -24.28
N GLU A 481 -1.25 9.99 -24.89
CA GLU A 481 -2.60 10.50 -24.78
C GLU A 481 -3.46 9.71 -23.81
N ALA A 482 -2.95 8.61 -23.30
CA ALA A 482 -3.78 7.68 -22.55
C ALA A 482 -4.13 8.26 -21.18
N PRO A 483 -5.35 8.08 -20.72
CA PRO A 483 -5.64 8.43 -19.33
C PRO A 483 -4.72 7.70 -18.36
N PHE A 484 -4.44 6.41 -18.60
CA PHE A 484 -3.55 5.65 -17.74
C PHE A 484 -2.98 4.48 -18.53
N ALA A 485 -1.96 3.83 -17.97
CA ALA A 485 -1.44 2.58 -18.48
C ALA A 485 -1.76 1.44 -17.51
N ASP A 486 -2.47 0.41 -17.97
CA ASP A 486 -2.72 -0.75 -17.12
C ASP A 486 -1.37 -1.32 -16.72
N MET A 487 -1.17 -1.52 -15.41
CA MET A 487 0.14 -1.92 -14.93
C MET A 487 0.18 -3.35 -14.43
N ARG A 488 -0.92 -4.08 -14.51
CA ARG A 488 -0.91 -5.50 -14.18
C ARG A 488 -0.04 -6.28 -15.16
N SER A 489 0.71 -7.24 -14.61
CA SER A 489 1.59 -8.11 -15.39
C SER A 489 0.76 -9.14 -16.16
N ARG A 490 1.39 -9.82 -17.12
CA ARG A 490 0.69 -10.93 -17.78
C ARG A 490 0.22 -11.93 -16.73
N ARG A 491 1.07 -12.24 -15.74
CA ARG A 491 0.70 -13.18 -14.69
C ARG A 491 -0.46 -12.63 -13.87
N ASP A 492 -0.46 -11.32 -13.63
CA ASP A 492 -1.54 -10.70 -12.86
C ASP A 492 -2.88 -10.93 -13.52
N ARG A 493 -2.99 -10.63 -14.81
CA ARG A 493 -4.29 -10.79 -15.45
C ARG A 493 -4.60 -12.25 -15.70
N ALA A 494 -3.58 -13.06 -15.92
CA ALA A 494 -3.79 -14.49 -16.04
C ALA A 494 -4.42 -15.07 -14.78
N VAL A 495 -3.80 -14.81 -13.62
CA VAL A 495 -4.25 -15.40 -12.36
C VAL A 495 -5.60 -14.83 -11.95
N TRP A 496 -5.81 -13.52 -12.18
CA TRP A 496 -7.10 -12.92 -11.84
C TRP A 496 -8.24 -13.48 -12.67
N ASN A 497 -8.03 -13.67 -13.98
CA ASN A 497 -9.09 -14.18 -14.82
C ASN A 497 -9.41 -15.63 -14.51
N GLU A 498 -8.37 -16.46 -14.36
CA GLU A 498 -8.56 -17.85 -13.92
C GLU A 498 -9.44 -17.90 -12.68
N THR A 499 -9.16 -17.03 -11.71
CA THR A 499 -9.90 -17.02 -10.45
C THR A 499 -11.30 -16.46 -10.58
N ASN A 500 -11.54 -15.54 -11.51
CA ASN A 500 -12.85 -14.90 -11.58
C ASN A 500 -13.66 -15.29 -12.80
N ASP A 501 -13.35 -16.43 -13.43
CA ASP A 501 -14.23 -17.09 -14.41
C ASP A 501 -15.36 -17.87 -13.71
N THR A 502 -16.29 -17.11 -13.15
CA THR A 502 -17.27 -17.70 -12.25
C THR A 502 -18.68 -17.73 -12.81
N ALA A 503 -18.91 -17.28 -14.04
CA ALA A 503 -20.27 -17.24 -14.58
C ALA A 503 -20.85 -18.63 -14.63
N GLU A 504 -22.07 -18.79 -14.08
CA GLU A 504 -22.88 -20.02 -14.11
C GLU A 504 -24.34 -19.64 -14.24
N PRO A 505 -25.09 -20.28 -15.13
CA PRO A 505 -26.52 -19.99 -15.24
C PRO A 505 -27.21 -20.44 -13.95
N VAL A 506 -28.17 -19.64 -13.49
CA VAL A 506 -28.95 -19.87 -12.27
C VAL A 506 -30.39 -20.17 -12.70
N PRO A 507 -30.88 -21.42 -12.63
CA PRO A 507 -32.24 -21.69 -13.08
C PRO A 507 -33.26 -20.81 -12.37
N ALA A 508 -34.19 -20.24 -13.15
CA ALA A 508 -35.26 -19.35 -12.66
C ALA A 508 -36.34 -20.13 -11.93
N VAL A 509 -35.97 -20.67 -10.78
CA VAL A 509 -36.84 -21.43 -9.88
C VAL A 509 -36.89 -20.64 -8.59
N LEU A 510 -38.04 -20.02 -8.31
CA LEU A 510 -38.18 -19.16 -7.14
C LEU A 510 -37.80 -19.88 -5.84
N LEU A 511 -37.43 -19.07 -4.84
CA LEU A 511 -36.86 -19.63 -3.63
C LEU A 511 -37.85 -20.53 -2.92
N GLN A 512 -39.12 -20.10 -2.83
CA GLN A 512 -40.10 -20.92 -2.12
C GLN A 512 -40.42 -22.17 -2.92
N GLU A 513 -40.55 -22.05 -4.24
CA GLU A 513 -40.95 -23.16 -5.10
C GLU A 513 -39.90 -24.25 -5.12
N ARG A 514 -38.67 -23.95 -4.69
CA ARG A 514 -37.66 -24.98 -4.54
C ARG A 514 -37.90 -25.78 -3.28
N PHE A 515 -38.35 -25.12 -2.22
CA PHE A 515 -38.58 -25.79 -0.93
C PHE A 515 -39.84 -26.65 -0.94
N PHE A 516 -40.90 -26.14 -1.57
CA PHE A 516 -42.11 -26.93 -1.75
C PHE A 516 -41.82 -28.19 -2.53
N ALA A 517 -41.06 -28.08 -3.62
CA ALA A 517 -40.61 -29.26 -4.33
C ALA A 517 -39.91 -30.23 -3.38
N GLN A 518 -39.03 -29.70 -2.53
CA GLN A 518 -38.34 -30.55 -1.55
C GLN A 518 -39.30 -31.13 -0.53
N ALA A 519 -40.31 -30.34 -0.12
CA ALA A 519 -41.37 -30.85 0.74
C ALA A 519 -42.14 -32.00 0.10
N ARG A 520 -42.38 -31.94 -1.22
CA ARG A 520 -43.03 -33.06 -1.89
C ARG A 520 -42.11 -34.27 -2.01
N ARG A 521 -40.81 -34.05 -2.16
CA ARG A 521 -39.91 -35.15 -2.42
C ARG A 521 -39.75 -36.02 -1.18
N THR A 522 -39.49 -35.38 -0.05
CA THR A 522 -39.29 -36.06 1.22
C THR A 522 -40.18 -35.36 2.22
N PRO A 523 -41.44 -35.78 2.34
CA PRO A 523 -42.42 -34.97 3.07
C PRO A 523 -42.39 -35.21 4.57
N ASP A 524 -41.99 -36.42 4.95
CA ASP A 524 -42.03 -36.85 6.32
C ASP A 524 -40.70 -36.64 7.03
N ALA A 525 -39.79 -35.88 6.46
CA ALA A 525 -38.46 -35.73 7.02
C ALA A 525 -38.36 -34.45 7.84
N GLU A 526 -37.37 -34.41 8.74
CA GLU A 526 -37.30 -33.33 9.70
C GLU A 526 -36.91 -32.01 9.04
N ALA A 527 -37.79 -31.01 9.11
CA ALA A 527 -37.50 -29.73 8.48
C ALA A 527 -36.88 -28.76 9.48
N VAL A 528 -37.64 -28.35 10.49
CA VAL A 528 -37.18 -27.46 11.55
C VAL A 528 -37.35 -28.14 12.90
N VAL A 529 -36.24 -28.38 13.60
CA VAL A 529 -36.24 -28.88 14.97
C VAL A 529 -35.96 -27.70 15.88
N ALA A 530 -36.91 -27.32 16.74
CA ALA A 530 -36.75 -26.04 17.43
C ALA A 530 -37.53 -26.08 18.73
N SER A 531 -36.82 -26.36 19.83
CA SER A 531 -37.32 -26.26 21.20
C SER A 531 -38.41 -27.28 21.44
N GLY A 532 -38.07 -28.56 21.41
CA GLY A 532 -39.07 -29.59 21.72
C GLY A 532 -40.29 -29.49 20.83
N LEU A 533 -40.07 -29.23 19.55
CA LEU A 533 -41.09 -29.23 18.52
C LEU A 533 -40.32 -29.51 17.26
N ARG A 534 -40.78 -30.47 16.48
CA ARG A 534 -40.06 -30.89 15.28
C ARG A 534 -41.04 -30.83 14.11
N LEU A 535 -41.05 -29.69 13.43
CA LEU A 535 -41.81 -29.54 12.19
C LEU A 535 -41.24 -30.45 11.11
N THR A 536 -42.10 -31.20 10.45
CA THR A 536 -41.68 -32.01 9.34
C THR A 536 -41.72 -31.14 8.09
N TYR A 537 -41.19 -31.64 6.97
CA TYR A 537 -41.25 -30.85 5.73
C TYR A 537 -42.69 -30.58 5.31
N ASP A 538 -43.55 -31.60 5.31
CA ASP A 538 -44.95 -31.35 4.98
C ASP A 538 -45.60 -30.40 5.98
N GLU A 539 -45.38 -30.64 7.27
CA GLU A 539 -45.97 -29.81 8.31
C GLU A 539 -45.62 -28.34 8.08
N LEU A 540 -44.34 -28.06 7.77
CA LEU A 540 -43.87 -26.71 7.52
C LEU A 540 -44.37 -26.15 6.20
N ALA A 541 -44.44 -27.00 5.17
CA ALA A 541 -44.94 -26.53 3.89
C ALA A 541 -46.42 -26.23 3.99
N ARG A 542 -47.17 -27.03 4.79
CA ARG A 542 -48.58 -26.74 5.02
C ARG A 542 -48.75 -25.37 5.67
N HIS A 543 -48.00 -25.11 6.75
CA HIS A 543 -48.25 -23.86 7.45
C HIS A 543 -47.83 -22.65 6.60
N ALA A 544 -46.77 -22.79 5.80
CA ALA A 544 -46.43 -21.75 4.84
C ALA A 544 -47.61 -21.44 3.94
N TYR A 545 -48.27 -22.47 3.40
CA TYR A 545 -49.41 -22.25 2.52
C TYR A 545 -50.56 -21.57 3.26
N ARG A 546 -50.72 -21.83 4.56
CA ARG A 546 -51.74 -21.11 5.34
C ARG A 546 -51.42 -19.62 5.39
N ILE A 547 -50.21 -19.27 5.83
CA ILE A 547 -49.77 -17.88 5.81
C ILE A 547 -49.79 -17.32 4.39
N GLY A 548 -49.37 -18.13 3.41
CA GLY A 548 -49.40 -17.74 2.03
C GLY A 548 -50.79 -17.38 1.54
N ASN A 549 -51.72 -18.33 1.59
CA ASN A 549 -53.08 -18.07 1.13
C ASN A 549 -53.68 -16.85 1.85
N THR A 550 -53.52 -16.81 3.17
CA THR A 550 -54.07 -15.74 3.98
C THR A 550 -53.56 -14.38 3.52
N LEU A 551 -52.23 -14.23 3.48
CA LEU A 551 -51.61 -12.98 3.08
C LEU A 551 -52.02 -12.59 1.66
N ARG A 552 -52.12 -13.59 0.77
CA ARG A 552 -52.48 -13.29 -0.61
C ARG A 552 -53.87 -12.67 -0.69
N GLU A 553 -54.83 -13.28 0.00
CA GLU A 553 -56.21 -12.80 -0.02
C GLU A 553 -56.42 -11.59 0.89
N ARG A 554 -55.38 -11.12 1.58
CA ARG A 554 -55.47 -9.88 2.36
C ARG A 554 -54.70 -8.74 1.74
N GLY A 555 -54.26 -8.88 0.48
CA GLY A 555 -53.83 -7.74 -0.32
C GLY A 555 -52.39 -7.76 -0.82
N VAL A 556 -51.65 -8.84 -0.55
CA VAL A 556 -50.22 -8.90 -0.82
C VAL A 556 -50.00 -9.29 -2.27
N ARG A 557 -49.77 -8.28 -3.11
CA ARG A 557 -49.38 -8.32 -4.52
C ARG A 557 -47.85 -8.41 -4.62
N PRO A 558 -47.30 -8.88 -5.75
CA PRO A 558 -45.84 -9.03 -5.82
C PRO A 558 -45.16 -7.70 -5.58
N GLY A 559 -44.02 -7.75 -4.93
CA GLY A 559 -43.28 -6.55 -4.62
C GLY A 559 -43.74 -5.81 -3.38
N ASP A 560 -44.64 -6.39 -2.59
CA ASP A 560 -44.99 -5.86 -1.28
C ASP A 560 -44.01 -6.37 -0.21
N LEU A 561 -43.89 -5.60 0.87
CA LEU A 561 -43.05 -5.98 1.99
C LEU A 561 -43.91 -6.36 3.19
N VAL A 562 -43.52 -7.41 3.87
CA VAL A 562 -44.23 -7.93 5.03
C VAL A 562 -43.21 -8.12 6.15
N GLY A 563 -43.34 -7.35 7.23
CA GLY A 563 -42.40 -7.45 8.32
C GLY A 563 -42.47 -8.80 9.00
N VAL A 564 -41.33 -9.22 9.54
CA VAL A 564 -41.21 -10.43 10.35
C VAL A 564 -40.48 -10.01 11.63
N VAL A 565 -41.25 -9.69 12.67
CA VAL A 565 -40.72 -9.28 13.98
C VAL A 565 -40.96 -10.46 14.91
N MET A 566 -39.93 -11.27 15.16
CA MET A 566 -40.07 -12.53 15.88
C MET A 566 -38.76 -12.82 16.59
N GLU A 567 -38.81 -13.81 17.47
CA GLU A 567 -37.61 -14.38 18.07
C GLU A 567 -37.38 -15.75 17.46
N LYS A 568 -36.22 -16.34 17.77
CA LYS A 568 -35.86 -17.61 17.15
C LYS A 568 -36.97 -18.61 17.36
N GLY A 569 -37.30 -19.35 16.30
CA GLY A 569 -38.36 -20.33 16.35
C GLY A 569 -38.94 -20.63 14.98
N TRP A 570 -39.67 -21.75 14.92
CA TRP A 570 -40.24 -22.21 13.66
C TRP A 570 -41.15 -21.17 13.03
N GLU A 571 -41.71 -20.26 13.81
CA GLU A 571 -42.63 -19.29 13.24
C GLU A 571 -41.94 -18.39 12.22
N GLN A 572 -40.61 -18.30 12.27
CA GLN A 572 -39.87 -17.44 11.32
C GLN A 572 -39.86 -18.07 9.94
N TYR A 573 -39.56 -19.37 9.86
CA TYR A 573 -39.58 -20.08 8.58
C TYR A 573 -40.97 -20.07 7.96
N ALA A 574 -41.98 -20.47 8.74
CA ALA A 574 -43.35 -20.35 8.29
C ALA A 574 -43.57 -18.99 7.66
N ALA A 575 -43.24 -17.92 8.39
CA ALA A 575 -43.54 -16.59 7.87
C ALA A 575 -42.74 -16.27 6.61
N VAL A 576 -41.48 -16.70 6.55
CA VAL A 576 -40.66 -16.37 5.39
C VAL A 576 -41.21 -17.04 4.14
N TYR A 577 -41.43 -18.36 4.22
CA TYR A 577 -41.92 -19.06 3.04
C TYR A 577 -43.36 -18.70 2.74
N GLY A 578 -44.16 -18.36 3.74
CA GLY A 578 -45.52 -17.89 3.48
C GLY A 578 -45.54 -16.56 2.76
N ILE A 579 -44.69 -15.60 3.16
CA ILE A 579 -44.65 -14.31 2.51
C ILE A 579 -44.23 -14.45 1.05
N LEU A 580 -43.22 -15.30 0.80
CA LEU A 580 -42.81 -15.57 -0.58
C LEU A 580 -43.91 -16.31 -1.36
N ALA A 581 -44.54 -17.32 -0.75
CA ALA A 581 -45.60 -18.05 -1.47
C ALA A 581 -46.70 -17.10 -1.91
N ALA A 582 -47.00 -16.10 -1.09
CA ALA A 582 -48.00 -15.10 -1.40
C ALA A 582 -47.55 -14.12 -2.47
N GLY A 583 -46.24 -13.99 -2.67
CA GLY A 583 -45.67 -13.12 -3.68
C GLY A 583 -44.95 -11.89 -3.14
N GLY A 584 -44.88 -11.71 -1.82
CA GLY A 584 -44.21 -10.58 -1.23
C GLY A 584 -42.76 -10.86 -0.85
N ALA A 585 -42.11 -9.82 -0.33
CA ALA A 585 -40.75 -9.86 0.17
C ALA A 585 -40.77 -9.72 1.69
N TYR A 586 -39.93 -10.47 2.37
CA TYR A 586 -39.98 -10.49 3.82
C TYR A 586 -38.98 -9.52 4.42
N LEU A 587 -39.44 -8.70 5.36
CA LEU A 587 -38.64 -7.65 5.98
C LEU A 587 -38.33 -7.99 7.44
N PRO A 588 -37.22 -8.67 7.74
CA PRO A 588 -36.95 -9.06 9.13
C PRO A 588 -36.45 -7.86 9.94
N ILE A 589 -37.03 -7.68 11.12
CA ILE A 589 -36.68 -6.60 12.05
C ILE A 589 -36.53 -7.21 13.43
N ASP A 590 -35.61 -6.65 14.22
CA ASP A 590 -35.22 -7.28 15.47
C ASP A 590 -36.32 -7.15 16.49
N ALA A 591 -36.71 -8.29 17.07
CA ALA A 591 -37.75 -8.24 18.08
C ALA A 591 -37.30 -7.56 19.38
N ALA A 592 -36.04 -7.15 19.47
CA ALA A 592 -35.50 -6.46 20.63
C ALA A 592 -35.00 -5.06 20.27
N SER A 593 -35.50 -4.50 19.17
CA SER A 593 -35.14 -3.13 18.81
C SER A 593 -35.52 -2.17 19.94
N PRO A 594 -34.69 -1.18 20.23
CA PRO A 594 -35.04 -0.18 21.24
C PRO A 594 -36.09 0.81 20.76
N ARG A 595 -36.76 1.42 21.74
CA ARG A 595 -37.73 2.50 21.51
C ARG A 595 -38.75 2.02 20.48
N GLY A 596 -39.14 2.85 19.50
CA GLY A 596 -39.95 2.43 18.40
C GLY A 596 -39.10 2.54 17.16
N ARG A 597 -38.01 1.76 17.15
CA ARG A 597 -37.28 1.54 15.90
C ARG A 597 -38.07 0.64 14.98
N VAL A 598 -38.58 -0.49 15.50
CA VAL A 598 -39.40 -1.40 14.72
C VAL A 598 -40.49 -0.64 14.00
N ALA A 599 -41.09 0.35 14.67
CA ALA A 599 -42.03 1.19 13.96
C ALA A 599 -41.33 2.13 12.99
N ARG A 600 -40.09 2.53 13.30
CA ARG A 600 -39.38 3.47 12.43
C ARG A 600 -39.04 2.81 11.11
N LEU A 601 -38.59 1.55 11.16
CA LEU A 601 -38.26 0.81 9.95
C LEU A 601 -39.51 0.46 9.16
N LEU A 602 -40.49 -0.18 9.82
CA LEU A 602 -41.73 -0.58 9.16
C LEU A 602 -42.39 0.58 8.43
N GLU A 603 -42.51 1.73 9.10
CA GLU A 603 -43.07 2.93 8.47
C GLU A 603 -42.24 3.33 7.27
N SER A 604 -40.92 3.10 7.36
CA SER A 604 -39.96 3.54 6.36
C SER A 604 -39.97 2.62 5.14
N ALA A 605 -39.90 1.30 5.39
CA ALA A 605 -39.96 0.32 4.32
C ALA A 605 -41.30 0.35 3.61
N GLY A 606 -42.38 0.65 4.31
CA GLY A 606 -43.70 0.58 3.73
C GLY A 606 -44.43 -0.72 4.00
N ALA A 607 -44.12 -1.37 5.11
CA ALA A 607 -44.64 -2.70 5.42
C ALA A 607 -45.86 -2.55 6.31
N GLY A 608 -47.04 -2.54 5.70
CA GLY A 608 -48.30 -2.44 6.40
C GLY A 608 -48.86 -3.72 6.96
N ILE A 609 -48.24 -4.87 6.70
CA ILE A 609 -48.51 -6.12 7.42
C ILE A 609 -47.27 -6.50 8.22
N VAL A 610 -47.47 -7.05 9.42
CA VAL A 610 -46.38 -7.59 10.25
C VAL A 610 -46.80 -8.96 10.74
N LEU A 611 -45.94 -9.95 10.60
CA LEU A 611 -46.15 -11.26 11.22
C LEU A 611 -45.28 -11.35 12.45
N THR A 612 -45.81 -11.94 13.52
CA THR A 612 -45.13 -11.96 14.80
C THR A 612 -45.53 -13.23 15.53
N GLN A 613 -45.10 -13.36 16.77
CA GLN A 613 -45.46 -14.51 17.60
C GLN A 613 -46.58 -14.15 18.58
N SER A 614 -47.46 -15.13 18.87
CA SER A 614 -48.42 -14.96 19.95
C SER A 614 -47.71 -14.43 21.20
N ARG A 615 -46.74 -15.20 21.71
CA ARG A 615 -46.08 -14.96 23.00
C ARG A 615 -45.28 -13.67 23.04
N LEU A 616 -45.22 -12.90 21.94
CA LEU A 616 -44.42 -11.69 21.87
C LEU A 616 -45.20 -10.49 21.34
N ARG A 617 -46.50 -10.63 21.03
CA ARG A 617 -47.22 -9.53 20.40
C ARG A 617 -47.21 -8.28 21.26
N ASP A 618 -47.65 -8.42 22.52
CA ASP A 618 -47.90 -7.26 23.37
C ASP A 618 -46.61 -6.53 23.76
N GLU A 619 -45.47 -7.19 23.69
CA GLU A 619 -44.15 -6.63 23.96
C GLU A 619 -43.65 -5.70 22.84
N LEU A 620 -44.47 -5.34 21.85
CA LEU A 620 -43.99 -4.63 20.65
C LEU A 620 -44.79 -3.36 20.41
N ASP A 621 -44.08 -2.24 20.16
CA ASP A 621 -44.68 -0.92 19.93
C ASP A 621 -44.94 -0.71 18.45
N LEU A 622 -46.00 -1.42 17.92
CA LEU A 622 -46.29 -1.30 16.50
C LEU A 622 -47.37 -0.24 16.26
N PRO A 623 -47.29 0.50 15.15
CA PRO A 623 -48.35 1.48 14.85
C PRO A 623 -49.68 0.78 14.60
N ALA A 624 -50.77 1.52 14.87
CA ALA A 624 -52.10 0.91 14.97
C ALA A 624 -52.68 0.57 13.60
N GLY A 625 -52.44 1.42 12.60
CA GLY A 625 -53.03 1.21 11.29
C GLY A 625 -52.61 -0.09 10.63
N THR A 626 -51.38 -0.54 10.90
CA THR A 626 -50.86 -1.73 10.25
C THR A 626 -51.52 -2.97 10.83
N THR A 627 -51.72 -4.00 10.00
CA THR A 627 -52.33 -5.22 10.48
C THR A 627 -51.22 -6.10 11.04
N VAL A 628 -51.48 -6.77 12.16
CA VAL A 628 -50.52 -7.66 12.78
C VAL A 628 -51.19 -9.01 12.93
N LEU A 629 -50.52 -10.06 12.46
CA LEU A 629 -51.05 -11.41 12.54
C LEU A 629 -50.00 -12.22 13.29
N ARG A 630 -50.44 -13.28 13.94
CA ARG A 630 -49.54 -14.13 14.70
C ARG A 630 -49.48 -15.50 14.05
N ALA A 631 -48.30 -15.89 13.59
CA ALA A 631 -48.10 -17.05 12.73
C ALA A 631 -48.59 -18.36 13.33
N ASP A 632 -48.83 -18.42 14.64
CA ASP A 632 -49.08 -19.70 15.29
C ASP A 632 -50.51 -19.83 15.83
N THR A 633 -51.38 -18.83 15.59
CA THR A 633 -52.76 -18.91 16.07
C THR A 633 -53.73 -18.28 15.08
N ASP A 634 -53.34 -17.16 14.49
CA ASP A 634 -54.19 -16.40 13.59
C ASP A 634 -54.27 -17.05 12.22
N PHE A 635 -53.89 -18.31 12.14
CA PHE A 635 -53.78 -18.92 10.82
C PHE A 635 -54.34 -20.33 10.77
N GLU A 636 -54.94 -20.83 11.85
CA GLU A 636 -55.29 -22.25 11.89
C GLU A 636 -56.41 -22.58 10.92
N THR A 637 -57.28 -21.61 10.60
CA THR A 637 -58.43 -21.89 9.77
C THR A 637 -58.20 -21.62 8.29
N ALA A 638 -56.99 -21.30 7.88
CA ALA A 638 -56.73 -20.95 6.50
C ALA A 638 -56.36 -22.19 5.71
N SER A 639 -56.51 -22.09 4.39
CA SER A 639 -56.37 -23.23 3.49
C SER A 639 -54.94 -23.75 3.49
N THR A 640 -54.77 -25.05 3.25
CA THR A 640 -53.45 -25.60 2.97
C THR A 640 -53.27 -25.91 1.50
N ALA A 641 -54.04 -25.23 0.65
CA ALA A 641 -54.01 -25.46 -0.78
C ALA A 641 -52.80 -24.76 -1.37
N PRO A 642 -51.99 -25.44 -2.19
CA PRO A 642 -50.77 -24.83 -2.69
C PRO A 642 -51.09 -23.61 -3.53
N LEU A 643 -50.16 -22.64 -3.48
CA LEU A 643 -50.27 -21.37 -4.20
C LEU A 643 -49.41 -21.41 -5.46
N THR A 644 -49.98 -20.93 -6.56
CA THR A 644 -49.23 -20.84 -7.80
C THR A 644 -48.41 -19.56 -7.74
N PRO A 645 -47.09 -19.63 -7.93
CA PRO A 645 -46.25 -18.43 -7.72
C PRO A 645 -46.59 -17.33 -8.69
N VAL A 646 -46.44 -16.08 -8.25
CA VAL A 646 -46.76 -14.92 -9.08
C VAL A 646 -45.65 -13.88 -9.13
N GLN A 647 -44.54 -14.06 -8.42
CA GLN A 647 -43.41 -13.15 -8.55
C GLN A 647 -42.34 -13.77 -9.42
N GLY A 648 -41.48 -12.90 -9.96
CA GLY A 648 -40.44 -13.29 -10.88
C GLY A 648 -39.17 -13.65 -10.14
N PRO A 649 -38.24 -14.30 -10.82
CA PRO A 649 -37.00 -14.70 -10.13
C PRO A 649 -36.11 -13.51 -9.76
N ASP A 650 -36.32 -12.37 -10.41
CA ASP A 650 -35.56 -11.16 -10.17
C ASP A 650 -36.37 -10.13 -9.38
N ASP A 651 -37.61 -10.49 -8.95
CA ASP A 651 -38.30 -9.68 -7.98
C ASP A 651 -37.67 -9.85 -6.61
N PRO A 652 -37.87 -8.89 -5.70
CA PRO A 652 -37.23 -8.98 -4.38
C PRO A 652 -37.70 -10.17 -3.56
N ALA A 653 -36.75 -10.78 -2.86
CA ALA A 653 -37.05 -11.88 -1.94
C ALA A 653 -37.09 -11.43 -0.49
N TYR A 654 -36.36 -10.36 -0.17
CA TYR A 654 -36.24 -9.84 1.19
C TYR A 654 -35.60 -8.47 1.15
N VAL A 655 -35.77 -7.72 2.23
CA VAL A 655 -35.13 -6.42 2.41
C VAL A 655 -34.56 -6.37 3.80
N ILE A 656 -33.24 -6.36 3.90
CA ILE A 656 -32.53 -6.45 5.17
C ILE A 656 -31.83 -5.13 5.42
N TYR A 657 -31.97 -4.58 6.63
CA TYR A 657 -31.49 -3.24 6.94
C TYR A 657 -30.09 -3.28 7.52
N THR A 658 -29.30 -2.24 7.21
CA THR A 658 -27.90 -2.09 7.58
C THR A 658 -27.62 -0.66 8.03
N SER A 659 -27.04 -0.50 9.23
CA SER A 659 -26.75 0.83 9.75
C SER A 659 -25.46 1.44 9.13
N GLU A 664 -28.75 7.46 8.19
CA GLU A 664 -29.95 6.65 8.18
C GLU A 664 -29.61 5.17 8.01
N PRO A 665 -30.55 4.30 8.36
CA PRO A 665 -30.40 2.89 8.00
C PRO A 665 -30.89 2.69 6.57
N LYS A 666 -30.11 1.95 5.79
CA LYS A 666 -30.44 1.67 4.39
C LYS A 666 -30.88 0.21 4.24
N GLY A 667 -31.89 0.01 3.37
CA GLY A 667 -32.47 -1.28 3.08
C GLY A 667 -31.91 -1.96 1.84
N VAL A 668 -31.13 -3.02 2.08
CA VAL A 668 -30.55 -3.81 1.01
C VAL A 668 -31.66 -4.70 0.41
N VAL A 669 -32.05 -4.43 -0.84
CA VAL A 669 -33.06 -5.22 -1.54
C VAL A 669 -32.41 -6.35 -2.29
N VAL A 670 -32.96 -7.56 -2.19
CA VAL A 670 -32.29 -8.74 -2.74
C VAL A 670 -33.32 -9.64 -3.43
N ALA A 671 -33.01 -10.06 -4.67
CA ALA A 671 -33.90 -10.88 -5.46
C ALA A 671 -33.68 -12.38 -5.21
N HIS A 672 -34.66 -13.18 -5.67
CA HIS A 672 -34.54 -14.63 -5.53
C HIS A 672 -33.32 -15.16 -6.26
N ARG A 673 -33.04 -14.62 -7.45
CA ARG A 673 -31.99 -15.16 -8.30
C ARG A 673 -30.65 -15.22 -7.56
N GLY A 674 -30.20 -14.10 -6.99
CA GLY A 674 -28.89 -14.13 -6.38
C GLY A 674 -28.79 -14.95 -5.11
N VAL A 675 -29.92 -15.21 -4.46
CA VAL A 675 -29.91 -16.15 -3.34
C VAL A 675 -29.88 -17.56 -3.88
N ALA A 676 -30.65 -17.84 -4.92
CA ALA A 676 -30.55 -19.10 -5.63
C ALA A 676 -29.10 -19.43 -5.93
N ASN A 677 -28.35 -18.43 -6.42
CA ASN A 677 -26.94 -18.64 -6.75
C ASN A 677 -26.14 -19.10 -5.54
N LEU A 678 -26.35 -18.47 -4.39
CA LEU A 678 -25.60 -18.83 -3.19
C LEU A 678 -25.98 -20.22 -2.68
N VAL A 679 -27.27 -20.55 -2.68
CA VAL A 679 -27.67 -21.86 -2.18
C VAL A 679 -27.09 -22.96 -3.04
N ARG A 680 -27.15 -22.79 -4.38
CA ARG A 680 -26.68 -23.81 -5.31
C ARG A 680 -25.17 -23.92 -5.25
N ASP A 681 -24.49 -22.81 -4.92
CA ASP A 681 -23.03 -22.82 -4.81
C ASP A 681 -22.59 -23.58 -3.58
N VAL A 682 -23.24 -23.33 -2.44
CA VAL A 682 -22.83 -23.99 -1.22
C VAL A 682 -23.14 -25.48 -1.28
N ARG A 683 -24.29 -25.85 -1.84
CA ARG A 683 -24.65 -27.27 -1.93
C ARG A 683 -23.58 -28.04 -2.68
N ARG A 684 -23.11 -27.49 -3.79
CA ARG A 684 -22.14 -28.19 -4.63
C ARG A 684 -20.75 -28.10 -4.03
N ARG A 685 -20.37 -26.92 -3.54
CA ARG A 685 -19.02 -26.69 -3.04
C ARG A 685 -18.74 -27.48 -1.77
N PHE A 686 -19.76 -27.72 -0.94
CA PHE A 686 -19.56 -28.32 0.36
C PHE A 686 -20.29 -29.64 0.55
N ALA A 687 -20.97 -30.16 -0.49
CA ALA A 687 -21.61 -31.46 -0.42
C ALA A 687 -22.72 -31.48 0.65
N VAL A 688 -23.64 -30.51 0.56
CA VAL A 688 -24.75 -30.44 1.51
C VAL A 688 -25.83 -31.44 1.06
N THR A 689 -26.01 -32.50 1.83
CA THR A 689 -26.98 -33.55 1.61
C THR A 689 -28.11 -33.43 2.63
N PRO A 690 -29.22 -34.16 2.48
CA PRO A 690 -30.26 -34.15 3.51
C PRO A 690 -29.80 -34.62 4.87
N ALA A 691 -28.74 -35.43 4.96
CA ALA A 691 -28.28 -35.89 6.27
C ALA A 691 -27.70 -34.77 7.12
N ASP A 692 -27.52 -33.58 6.55
CA ASP A 692 -26.93 -32.47 7.28
C ASP A 692 -27.96 -31.83 8.18
N ARG A 693 -27.45 -31.33 9.31
CA ARG A 693 -28.24 -30.58 10.27
C ARG A 693 -27.48 -29.29 10.58
N LEU A 694 -28.10 -28.15 10.25
CA LEU A 694 -27.49 -26.83 10.37
C LEU A 694 -28.11 -26.04 11.51
N LEU A 695 -27.28 -25.43 12.34
CA LEU A 695 -27.73 -24.72 13.51
C LEU A 695 -27.91 -23.24 13.17
N ALA A 696 -29.17 -22.79 13.17
CA ALA A 696 -29.54 -21.45 12.70
C ALA A 696 -29.32 -20.42 13.81
N LEU A 697 -28.06 -20.08 14.01
CA LEU A 697 -27.69 -19.24 15.14
C LEU A 697 -27.93 -17.76 14.86
N SER A 698 -27.54 -17.32 13.66
CA SER A 698 -27.67 -15.92 13.26
C SER A 698 -29.14 -15.50 13.24
N GLY A 699 -29.37 -14.20 13.35
CA GLY A 699 -30.72 -13.70 13.53
C GLY A 699 -31.35 -13.28 12.20
N LEU A 700 -32.64 -13.56 12.07
CA LEU A 700 -33.32 -13.39 10.79
C LEU A 700 -33.13 -12.00 10.19
N HIS A 701 -32.75 -11.03 11.01
CA HIS A 701 -32.50 -9.65 10.59
C HIS A 701 -31.04 -9.40 10.29
N PHE A 702 -30.20 -10.44 10.33
CA PHE A 702 -28.83 -10.38 9.84
C PHE A 702 -28.70 -11.17 8.54
N ASP A 703 -28.02 -10.56 7.58
CA ASP A 703 -27.67 -11.17 6.31
C ASP A 703 -27.18 -12.62 6.44
N ALA A 704 -26.48 -12.96 7.54
CA ALA A 704 -25.96 -14.32 7.67
C ALA A 704 -27.07 -15.35 7.77
N SER A 705 -28.27 -14.94 8.20
CA SER A 705 -29.37 -15.90 8.30
C SER A 705 -29.91 -16.30 6.93
N VAL A 706 -29.52 -15.60 5.86
CA VAL A 706 -30.08 -15.88 4.56
C VAL A 706 -29.75 -17.29 4.10
N TYR A 707 -28.52 -17.76 4.35
CA TYR A 707 -28.24 -19.17 4.03
C TYR A 707 -29.03 -20.09 4.92
N ASP A 708 -29.13 -19.77 6.23
CA ASP A 708 -29.89 -20.62 7.16
C ASP A 708 -31.34 -20.81 6.71
N VAL A 709 -31.96 -19.76 6.18
CA VAL A 709 -33.35 -19.83 5.76
C VAL A 709 -33.50 -20.73 4.52
N PHE A 710 -32.77 -20.41 3.45
CA PHE A 710 -33.00 -21.07 2.16
C PHE A 710 -32.07 -22.23 1.83
N GLY A 711 -30.91 -22.34 2.46
CA GLY A 711 -29.97 -23.38 2.13
C GLY A 711 -30.46 -24.80 2.37
N PRO A 712 -30.51 -25.22 3.65
CA PRO A 712 -30.72 -26.64 3.91
C PRO A 712 -32.12 -27.04 3.58
N LEU A 713 -33.07 -26.12 3.71
CA LEU A 713 -34.46 -26.43 3.40
C LEU A 713 -34.69 -26.70 1.93
N ALA A 714 -33.75 -26.32 1.05
CA ALA A 714 -33.91 -26.52 -0.39
C ALA A 714 -33.36 -27.86 -0.85
N CYS A 715 -32.75 -28.64 0.03
CA CYS A 715 -32.20 -29.92 -0.37
C CYS A 715 -32.58 -31.03 0.59
N GLY A 716 -33.51 -30.80 1.50
CA GLY A 716 -33.97 -31.83 2.41
C GLY A 716 -33.20 -31.94 3.71
N ALA A 717 -32.29 -31.01 3.99
CA ALA A 717 -31.56 -31.04 5.23
C ALA A 717 -32.37 -30.38 6.34
N THR A 718 -31.88 -30.50 7.57
CA THR A 718 -32.65 -30.22 8.78
C THR A 718 -32.10 -28.97 9.44
N VAL A 719 -32.97 -28.05 9.77
CA VAL A 719 -32.60 -26.81 10.47
C VAL A 719 -32.90 -26.99 11.96
N VAL A 720 -31.85 -26.89 12.77
CA VAL A 720 -31.94 -26.90 14.22
C VAL A 720 -31.95 -25.47 14.69
N VAL A 721 -33.06 -24.97 15.24
CA VAL A 721 -33.16 -23.58 15.69
C VAL A 721 -32.93 -23.52 17.20
N PRO A 722 -32.06 -22.64 17.68
CA PRO A 722 -31.72 -22.64 19.09
C PRO A 722 -32.63 -21.71 19.85
N PRO A 723 -32.70 -21.83 21.18
CA PRO A 723 -33.65 -21.02 21.94
C PRO A 723 -33.26 -19.56 21.88
N PRO A 724 -34.22 -18.64 21.86
CA PRO A 724 -33.88 -17.21 21.72
C PRO A 724 -32.89 -16.78 22.80
N PHE A 725 -31.88 -16.03 22.40
CA PHE A 725 -30.83 -15.67 23.33
C PHE A 725 -30.54 -14.18 23.24
N ARG A 726 -30.39 -13.56 24.41
CA ARG A 726 -30.02 -12.16 24.52
C ARG A 726 -28.53 -11.99 24.78
N ARG A 727 -27.81 -13.05 25.12
CA ARG A 727 -26.37 -12.97 25.10
C ARG A 727 -25.84 -14.34 24.74
N ALA A 728 -24.55 -14.40 24.45
CA ALA A 728 -23.98 -15.65 23.99
C ALA A 728 -24.10 -16.71 25.07
N GLU A 729 -24.54 -17.90 24.69
CA GLU A 729 -24.67 -19.00 25.64
C GLU A 729 -24.08 -20.27 25.05
N PRO A 730 -22.74 -20.33 24.94
CA PRO A 730 -22.05 -21.54 24.44
C PRO A 730 -22.43 -22.83 25.13
N ASP A 731 -22.72 -22.78 26.45
CA ASP A 731 -23.12 -23.97 27.18
C ASP A 731 -24.33 -24.61 26.50
N VAL A 732 -25.35 -23.79 26.20
CA VAL A 732 -26.51 -24.27 25.45
C VAL A 732 -26.05 -24.89 24.15
N TRP A 733 -25.37 -24.08 23.34
CA TRP A 733 -25.09 -24.39 21.96
C TRP A 733 -24.28 -25.67 21.83
N ALA A 734 -23.29 -25.85 22.69
CA ALA A 734 -22.51 -27.09 22.65
C ALA A 734 -23.40 -28.31 22.95
N GLU A 735 -24.33 -28.18 23.91
CA GLU A 735 -25.23 -29.30 24.16
C GLU A 735 -26.22 -29.46 23.03
N LEU A 736 -26.68 -28.36 22.45
CA LEU A 736 -27.56 -28.45 21.28
C LEU A 736 -26.85 -29.04 20.06
N VAL A 737 -25.54 -28.81 19.91
CA VAL A 737 -24.81 -29.46 18.85
C VAL A 737 -24.72 -30.96 19.13
N ARG A 738 -24.61 -31.33 20.41
CA ARG A 738 -24.46 -32.74 20.78
C ARG A 738 -25.78 -33.49 20.60
N ASP A 739 -26.86 -32.93 21.11
CA ASP A 739 -28.12 -33.67 21.15
C ASP A 739 -28.78 -33.74 19.78
N GLU A 740 -28.82 -32.63 19.06
CA GLU A 740 -29.38 -32.64 17.72
C GLU A 740 -28.35 -32.93 16.64
N ARG A 741 -27.19 -33.49 17.00
CA ARG A 741 -26.24 -34.11 16.07
C ARG A 741 -25.85 -33.18 14.91
N VAL A 742 -25.54 -31.91 15.25
CA VAL A 742 -25.41 -30.85 14.26
C VAL A 742 -24.15 -31.04 13.41
N THR A 743 -24.29 -30.85 12.09
CA THR A 743 -23.15 -30.99 11.18
C THR A 743 -22.62 -29.68 10.64
N PHE A 744 -23.45 -28.64 10.55
CA PHE A 744 -23.16 -27.44 9.77
C PHE A 744 -23.32 -26.23 10.68
N TRP A 745 -22.21 -25.52 10.92
CA TRP A 745 -22.18 -24.35 11.78
C TRP A 745 -21.92 -23.08 10.98
N ASN A 746 -22.68 -22.05 11.29
CA ASN A 746 -22.60 -20.78 10.58
C ASN A 746 -22.85 -19.69 11.58
N SER A 747 -21.87 -18.82 11.77
CA SER A 747 -21.82 -17.82 12.83
C SER A 747 -20.63 -16.91 12.58
N VAL A 748 -20.64 -15.77 13.25
CA VAL A 748 -19.47 -14.89 13.20
C VAL A 748 -18.36 -15.54 14.03
N PRO A 749 -17.10 -15.14 13.86
CA PRO A 749 -16.01 -15.99 14.38
C PRO A 749 -16.01 -16.14 15.90
N VAL A 750 -16.16 -15.03 16.63
CA VAL A 750 -16.10 -15.05 18.08
C VAL A 750 -17.10 -16.04 18.67
N LEU A 751 -18.32 -16.10 18.13
CA LEU A 751 -19.27 -17.11 18.58
C LEU A 751 -18.72 -18.52 18.37
N LEU A 752 -17.98 -18.77 17.27
CA LEU A 752 -17.35 -20.07 17.15
C LEU A 752 -16.29 -20.25 18.22
N GLU A 753 -15.59 -19.17 18.57
CA GLU A 753 -14.57 -19.27 19.62
C GLU A 753 -15.21 -19.65 20.96
N LEU A 754 -16.36 -19.05 21.26
CA LEU A 754 -17.07 -19.38 22.48
C LEU A 754 -17.46 -20.86 22.52
N LEU A 755 -18.20 -21.32 21.51
CA LEU A 755 -18.46 -22.75 21.35
C LEU A 755 -17.20 -23.58 21.55
N VAL A 756 -16.17 -23.35 20.73
CA VAL A 756 -14.93 -24.10 20.86
C VAL A 756 -14.33 -23.92 22.24
N GLY A 757 -14.53 -22.77 22.88
CA GLY A 757 -14.06 -22.59 24.25
C GLY A 757 -14.81 -23.44 25.27
N GLU A 758 -16.16 -23.50 25.14
CA GLU A 758 -17.01 -24.33 26.01
C GLU A 758 -16.68 -25.82 25.89
N ALA A 759 -16.41 -26.30 24.67
CA ALA A 759 -16.12 -27.70 24.47
C ALA A 759 -14.79 -28.10 25.09
N GLU A 760 -13.81 -27.20 25.10
CA GLU A 760 -12.52 -27.54 25.65
C GLU A 760 -12.62 -27.87 27.12
N SER A 761 -13.51 -27.18 27.84
CA SER A 761 -13.78 -27.45 29.24
C SER A 761 -14.90 -28.48 29.41
N ARG A 762 -14.81 -29.59 28.68
CA ARG A 762 -15.79 -30.66 28.81
C ARG A 762 -15.12 -31.98 28.51
N ASP A 763 -15.60 -33.03 29.20
CA ASP A 763 -14.95 -34.34 29.15
C ASP A 763 -15.38 -35.15 27.94
N ASP A 764 -16.59 -34.93 27.42
CA ASP A 764 -17.02 -35.56 26.17
C ASP A 764 -16.42 -34.82 24.97
N ARG A 765 -16.97 -35.08 23.78
CA ARG A 765 -16.58 -34.40 22.56
C ARG A 765 -17.88 -33.87 21.99
N PRO A 766 -18.43 -32.79 22.57
CA PRO A 766 -19.80 -32.36 22.19
C PRO A 766 -19.91 -31.80 20.79
N LEU A 767 -18.82 -31.33 20.20
CA LEU A 767 -18.85 -30.81 18.86
C LEU A 767 -18.49 -31.84 17.82
N ALA A 768 -18.53 -33.13 18.17
CA ALA A 768 -17.95 -34.15 17.29
C ALA A 768 -18.70 -34.27 15.97
N THR A 769 -20.02 -34.06 15.97
CA THR A 769 -20.83 -34.15 14.76
C THR A 769 -20.56 -33.04 13.74
N LEU A 770 -19.82 -31.99 14.11
CA LEU A 770 -19.57 -30.84 13.23
C LEU A 770 -18.69 -31.26 12.06
N ARG A 771 -19.22 -31.16 10.85
CA ARG A 771 -18.43 -31.46 9.69
C ARG A 771 -17.98 -30.21 8.95
N LEU A 772 -18.72 -29.13 9.08
CA LEU A 772 -18.48 -27.94 8.28
C LEU A 772 -18.86 -26.76 9.14
N ALA A 773 -17.93 -25.83 9.32
CA ALA A 773 -18.16 -24.67 10.17
C ALA A 773 -17.64 -23.48 9.38
N VAL A 774 -18.58 -22.70 8.83
CA VAL A 774 -18.32 -21.51 8.02
C VAL A 774 -18.44 -20.28 8.90
N VAL A 775 -17.33 -19.56 9.13
CA VAL A 775 -17.33 -18.34 9.95
C VAL A 775 -16.95 -17.15 9.08
N SER A 776 -17.47 -15.98 9.43
CA SER A 776 -17.32 -14.74 8.66
C SER A 776 -18.01 -13.58 9.39
N GLY A 777 -17.73 -12.37 8.90
CA GLY A 777 -18.30 -11.16 9.46
C GLY A 777 -17.35 -10.37 10.34
N ASP A 778 -16.14 -10.86 10.55
CA ASP A 778 -15.22 -10.24 11.48
C ASP A 778 -13.90 -11.00 11.38
N TRP A 779 -12.88 -10.56 12.09
CA TRP A 779 -11.57 -11.17 11.94
C TRP A 779 -11.55 -12.56 12.58
N ILE A 780 -11.11 -13.53 11.80
CA ILE A 780 -10.99 -14.93 12.21
C ILE A 780 -9.68 -15.13 12.96
N PRO A 781 -9.70 -15.22 14.30
CA PRO A 781 -8.48 -15.51 15.09
C PRO A 781 -7.61 -16.59 14.45
N LEU A 782 -6.29 -16.46 14.59
CA LEU A 782 -5.41 -17.37 13.85
C LEU A 782 -5.39 -18.77 14.44
N ASP A 783 -5.74 -18.92 15.73
CA ASP A 783 -5.75 -20.23 16.36
C ASP A 783 -7.11 -20.93 16.29
N LEU A 784 -8.19 -20.16 16.12
CA LEU A 784 -9.53 -20.73 16.05
C LEU A 784 -9.67 -21.89 15.07
N PRO A 785 -9.08 -21.87 13.85
CA PRO A 785 -9.29 -23.03 12.95
C PRO A 785 -8.66 -24.30 13.47
N GLY A 786 -7.48 -24.19 14.09
CA GLY A 786 -6.85 -25.37 14.66
C GLY A 786 -7.55 -25.84 15.92
N ARG A 787 -8.01 -24.90 16.75
CA ARG A 787 -8.74 -25.24 17.97
C ARG A 787 -10.01 -25.99 17.64
N ALA A 788 -10.74 -25.53 16.62
CA ALA A 788 -12.03 -26.15 16.30
C ALA A 788 -11.83 -27.53 15.69
N ARG A 789 -10.75 -27.73 14.93
CA ARG A 789 -10.53 -29.06 14.35
C ARG A 789 -10.16 -30.11 15.39
N ALA A 790 -9.79 -29.70 16.61
CA ALA A 790 -9.57 -30.64 17.71
C ALA A 790 -10.90 -31.09 18.32
N GLN A 791 -11.65 -30.14 18.87
CA GLN A 791 -12.97 -30.44 19.41
C GLN A 791 -13.92 -31.08 18.40
N ALA A 792 -13.55 -31.10 17.12
CA ALA A 792 -14.32 -31.77 16.07
C ALA A 792 -13.34 -32.31 15.05
N PRO A 793 -12.90 -33.56 15.19
CA PRO A 793 -12.04 -34.14 14.17
C PRO A 793 -12.75 -34.12 12.83
N GLY A 794 -11.97 -33.93 11.77
CA GLY A 794 -12.58 -33.90 10.44
C GLY A 794 -13.54 -32.75 10.19
N LEU A 795 -13.44 -31.70 10.97
CA LEU A 795 -14.17 -30.48 10.67
C LEU A 795 -13.46 -29.76 9.54
N ARG A 796 -14.22 -29.28 8.56
CA ARG A 796 -13.70 -28.35 7.58
C ARG A 796 -14.12 -26.96 8.06
N VAL A 797 -13.13 -26.14 8.44
CA VAL A 797 -13.38 -24.74 8.81
C VAL A 797 -13.25 -23.88 7.55
N VAL A 798 -14.31 -23.17 7.19
CA VAL A 798 -14.29 -22.34 6.00
C VAL A 798 -14.50 -20.89 6.42
N GLY A 799 -13.63 -20.01 5.96
CA GLY A 799 -13.76 -18.59 6.22
C GLY A 799 -14.51 -17.93 5.07
N SER A 800 -15.50 -17.14 5.40
CA SER A 800 -16.17 -16.43 4.33
C SER A 800 -16.15 -14.92 4.57
N GLY A 801 -17.06 -14.23 3.89
CA GLY A 801 -17.10 -12.78 3.97
C GLY A 801 -18.04 -12.24 2.91
N GLY A 802 -18.00 -10.93 2.73
CA GLY A 802 -18.85 -10.25 1.78
C GLY A 802 -20.01 -9.53 2.45
N PRO A 803 -20.21 -8.25 2.10
CA PRO A 803 -21.24 -7.44 2.76
C PRO A 803 -22.67 -7.82 2.38
N THR A 804 -23.61 -7.24 3.12
CA THR A 804 -25.02 -7.60 2.99
C THR A 804 -25.49 -7.44 1.55
N GLU A 805 -24.84 -6.55 0.81
CA GLU A 805 -25.16 -6.21 -0.56
C GLU A 805 -24.60 -7.20 -1.57
N THR A 806 -23.77 -8.16 -1.15
CA THR A 806 -23.32 -9.25 -2.03
C THR A 806 -23.89 -10.62 -1.60
N ILE A 807 -24.98 -10.62 -0.81
CA ILE A 807 -25.87 -11.75 -0.60
C ILE A 807 -25.15 -12.72 0.33
N CYS A 808 -25.21 -12.48 1.63
CA CYS A 808 -24.63 -13.38 2.61
C CYS A 808 -23.14 -13.75 2.54
N TRP A 809 -22.78 -14.71 1.68
CA TRP A 809 -21.41 -15.11 1.40
C TRP A 809 -21.11 -14.89 -0.08
N SER A 810 -20.09 -14.13 -0.39
CA SER A 810 -19.70 -14.00 -1.79
C SER A 810 -18.30 -14.51 -2.10
N LEU A 811 -17.50 -14.87 -1.10
CA LEU A 811 -16.24 -15.55 -1.38
C LEU A 811 -15.99 -16.50 -0.23
N PHE A 812 -14.99 -17.36 -0.41
CA PHE A 812 -14.71 -18.46 0.50
C PHE A 812 -13.22 -18.71 0.54
N HIS A 813 -12.71 -18.99 1.73
CA HIS A 813 -11.36 -19.50 1.91
C HIS A 813 -11.41 -20.74 2.78
N PRO A 814 -11.35 -21.94 2.21
CA PRO A 814 -11.20 -23.13 3.05
C PRO A 814 -9.90 -23.05 3.83
N ILE A 815 -10.00 -23.08 5.16
CA ILE A 815 -8.84 -22.94 6.06
C ILE A 815 -8.32 -24.35 6.29
N ASP A 816 -7.34 -24.76 5.48
CA ASP A 816 -6.78 -26.08 5.67
C ASP A 816 -5.60 -26.04 6.63
N ALA A 817 -4.72 -25.07 6.49
CA ALA A 817 -3.59 -24.96 7.38
C ALA A 817 -3.24 -23.49 7.47
N VAL A 818 -2.92 -23.03 8.67
CA VAL A 818 -2.66 -21.60 8.88
C VAL A 818 -1.16 -21.38 8.79
N ASP A 819 -0.76 -20.51 7.85
CA ASP A 819 0.64 -20.12 7.70
C ASP A 819 1.05 -19.24 8.88
N PRO A 820 2.16 -19.55 9.55
CA PRO A 820 2.64 -18.61 10.57
C PRO A 820 3.05 -17.26 10.00
N GLN A 821 3.44 -17.20 8.71
CA GLN A 821 3.79 -15.93 8.09
C GLN A 821 2.56 -15.02 7.94
N TRP A 822 1.35 -15.59 7.90
CA TRP A 822 0.13 -14.79 7.74
C TRP A 822 -0.10 -13.88 8.94
N THR A 823 -0.76 -12.76 8.66
CA THR A 823 -1.31 -11.84 9.66
C THR A 823 -2.82 -11.96 9.78
N SER A 824 -3.50 -12.34 8.70
CA SER A 824 -4.91 -12.70 8.75
C SER A 824 -5.09 -13.98 7.97
N ILE A 825 -6.26 -14.58 8.14
CA ILE A 825 -6.72 -15.59 7.17
C ILE A 825 -6.97 -14.94 5.82
N PRO A 826 -6.54 -15.54 4.72
CA PRO A 826 -6.88 -14.98 3.41
C PRO A 826 -8.39 -14.92 3.25
N TYR A 827 -8.88 -13.76 2.80
CA TYR A 827 -10.30 -13.51 2.64
C TYR A 827 -10.98 -14.54 1.73
N GLY A 828 -10.39 -14.82 0.58
CA GLY A 828 -10.75 -15.99 -0.18
C GLY A 828 -10.72 -15.73 -1.66
N LYS A 829 -11.53 -16.51 -2.37
CA LYS A 829 -11.83 -16.45 -3.79
C LYS A 829 -13.34 -16.48 -4.03
N PRO A 830 -13.83 -15.85 -5.11
CA PRO A 830 -15.26 -15.54 -5.21
C PRO A 830 -16.07 -16.74 -5.62
N ILE A 831 -17.31 -16.82 -5.12
CA ILE A 831 -18.18 -17.95 -5.47
C ILE A 831 -18.75 -17.77 -6.87
N ALA A 832 -19.52 -18.77 -7.33
CA ALA A 832 -20.18 -18.67 -8.61
C ALA A 832 -20.77 -17.30 -8.81
N ASN A 833 -20.58 -16.75 -10.00
CA ASN A 833 -21.19 -15.48 -10.42
C ASN A 833 -20.75 -14.30 -9.58
N GLN A 834 -19.67 -14.42 -8.81
CA GLN A 834 -19.07 -13.27 -8.16
C GLN A 834 -17.70 -13.03 -8.73
N ARG A 835 -17.29 -11.77 -8.73
CA ARG A 835 -15.98 -11.37 -9.22
C ARG A 835 -15.40 -10.35 -8.24
N TYR A 836 -14.23 -10.63 -7.68
CA TYR A 836 -13.64 -9.72 -6.70
C TYR A 836 -12.48 -8.93 -7.32
N TYR A 837 -12.76 -7.68 -7.67
CA TYR A 837 -11.75 -6.74 -8.11
C TYR A 837 -11.17 -6.03 -6.90
N ILE A 838 -9.85 -5.82 -6.90
CA ILE A 838 -9.21 -4.77 -6.13
C ILE A 838 -8.93 -3.63 -7.09
N VAL A 839 -9.32 -2.41 -6.72
CA VAL A 839 -9.28 -1.27 -7.61
C VAL A 839 -8.75 -0.05 -6.85
N ASP A 840 -8.01 0.80 -7.55
CA ASP A 840 -7.51 2.03 -6.97
C ASP A 840 -8.67 3.05 -6.94
N ARG A 841 -8.39 4.30 -6.57
CA ARG A 841 -9.44 5.31 -6.40
C ARG A 841 -10.12 5.73 -7.72
N ASP A 842 -9.71 5.21 -8.87
CA ASP A 842 -10.39 5.42 -10.13
C ASP A 842 -11.12 4.18 -10.64
N LEU A 843 -11.48 3.26 -9.74
CA LEU A 843 -12.16 2.00 -10.10
C LEU A 843 -11.35 1.18 -11.12
N ARG A 844 -10.04 1.19 -10.98
CA ARG A 844 -9.18 0.56 -11.95
C ARG A 844 -8.45 -0.61 -11.32
N PRO A 845 -8.55 -1.83 -11.85
CA PRO A 845 -7.92 -2.96 -11.16
C PRO A 845 -6.42 -2.77 -11.07
N ARG A 846 -5.86 -3.14 -9.91
CA ARG A 846 -4.50 -2.99 -9.46
C ARG A 846 -3.73 -4.27 -9.61
N PRO A 847 -2.42 -4.21 -9.57
CA PRO A 847 -1.61 -5.42 -9.66
C PRO A 847 -1.62 -6.21 -8.35
N THR A 848 -1.03 -7.39 -8.43
CA THR A 848 -0.91 -8.23 -7.25
C THR A 848 -0.11 -7.49 -6.18
N TRP A 849 -0.60 -7.59 -4.93
CA TRP A 849 -0.06 -7.03 -3.69
C TRP A 849 -0.43 -5.57 -3.52
N ALA A 850 -0.81 -4.90 -4.60
CA ALA A 850 -1.23 -3.50 -4.48
C ALA A 850 -2.56 -3.40 -3.74
N ARG A 851 -2.64 -2.41 -2.84
CA ARG A 851 -3.77 -2.26 -1.94
C ARG A 851 -4.81 -1.29 -2.49
N GLY A 852 -6.05 -1.74 -2.55
CA GLY A 852 -7.13 -0.90 -2.99
C GLY A 852 -8.47 -1.34 -2.43
N GLU A 853 -9.57 -0.71 -2.87
CA GLU A 853 -10.91 -1.07 -2.39
C GLU A 853 -11.43 -2.29 -3.15
N MET A 854 -12.10 -3.21 -2.43
CA MET A 854 -12.64 -4.39 -3.07
C MET A 854 -13.94 -4.00 -3.76
N ALA A 855 -14.11 -4.43 -5.00
CA ALA A 855 -15.28 -4.10 -5.82
C ALA A 855 -15.85 -5.42 -6.31
N VAL A 856 -17.05 -5.79 -5.86
CA VAL A 856 -17.60 -7.11 -6.12
C VAL A 856 -18.54 -6.98 -7.30
N ALA A 857 -18.14 -7.54 -8.45
CA ALA A 857 -18.89 -7.40 -9.69
C ALA A 857 -19.77 -8.62 -9.88
N SER A 858 -21.03 -8.37 -10.26
CA SER A 858 -21.93 -9.48 -10.55
C SER A 858 -23.26 -8.99 -11.09
N PRO A 859 -23.79 -9.62 -12.14
CA PRO A 859 -25.06 -9.21 -12.72
C PRO A 859 -26.25 -9.84 -12.04
N LEU A 860 -26.01 -10.84 -11.17
CA LEU A 860 -27.08 -11.47 -10.42
C LEU A 860 -26.78 -11.65 -8.95
N GLY A 861 -25.53 -11.50 -8.50
CA GLY A 861 -25.15 -11.79 -7.12
C GLY A 861 -24.96 -10.55 -6.27
N LEU A 862 -25.61 -9.44 -6.65
CA LEU A 862 -25.58 -8.19 -5.91
C LEU A 862 -26.99 -7.78 -5.58
N ALA A 863 -27.16 -7.08 -4.46
CA ALA A 863 -28.46 -6.50 -4.15
C ALA A 863 -28.98 -5.68 -5.30
N LEU A 864 -30.30 -5.71 -5.48
CA LEU A 864 -30.89 -4.90 -6.53
C LEU A 864 -30.56 -3.43 -6.32
N GLY A 865 -30.47 -3.00 -5.07
CA GLY A 865 -30.24 -1.61 -4.74
C GLY A 865 -30.66 -1.35 -3.31
N TYR A 866 -30.57 -0.09 -2.93
CA TYR A 866 -30.99 0.38 -1.62
C TYR A 866 -32.43 0.83 -1.73
N LEU A 867 -33.27 0.40 -0.78
CA LEU A 867 -34.71 0.63 -0.88
C LEU A 867 -35.00 2.12 -0.79
N ASN A 868 -35.84 2.61 -1.73
CA ASN A 868 -36.27 4.01 -1.77
C ASN A 868 -35.06 4.96 -1.67
N ASP A 869 -34.14 4.85 -2.64
CA ASP A 869 -32.85 5.54 -2.52
C ASP A 869 -32.04 5.32 -3.80
N PRO A 870 -32.44 5.91 -4.92
CA PRO A 870 -31.67 5.71 -6.15
C PRO A 870 -30.26 6.28 -6.05
N GLU A 871 -30.09 7.28 -5.19
CA GLU A 871 -28.85 8.06 -5.10
C GLU A 871 -27.72 7.27 -4.44
N ARG A 872 -27.94 6.77 -3.22
CA ARG A 872 -26.91 5.95 -2.58
C ARG A 872 -26.67 4.67 -3.36
N THR A 873 -27.72 4.12 -3.97
CA THR A 873 -27.55 2.96 -4.86
C THR A 873 -26.62 3.30 -6.02
N ALA A 874 -26.87 4.43 -6.67
CA ALA A 874 -26.03 4.88 -7.78
C ALA A 874 -24.56 4.94 -7.40
N ALA A 875 -24.28 5.31 -6.16
CA ALA A 875 -22.95 5.67 -5.72
C ALA A 875 -22.12 4.49 -5.27
N LYS A 876 -22.77 3.47 -4.71
CA LYS A 876 -22.10 2.25 -4.30
C LYS A 876 -22.22 1.12 -5.31
N PHE A 877 -23.30 1.07 -6.09
CA PHE A 877 -23.46 0.10 -7.17
C PHE A 877 -23.15 0.78 -8.49
N VAL A 878 -21.92 0.63 -8.94
CA VAL A 878 -21.34 1.48 -9.98
C VAL A 878 -21.04 0.65 -11.22
N THR A 879 -20.69 1.36 -12.30
CA THR A 879 -20.22 0.72 -13.51
C THR A 879 -18.71 0.85 -13.56
N LEU A 880 -18.01 -0.16 -13.09
CA LEU A 880 -16.61 -0.29 -13.44
C LEU A 880 -16.38 0.22 -14.85
N PRO A 881 -15.36 1.13 -15.05
CA PRO A 881 -15.17 1.76 -16.37
C PRO A 881 -14.34 0.90 -17.30
N GLY A 882 -13.51 0.03 -16.73
CA GLY A 882 -12.73 -0.86 -17.56
C GLY A 882 -13.57 -1.85 -18.34
N THR A 883 -14.64 -2.36 -17.75
CA THR A 883 -15.39 -3.46 -18.35
C THR A 883 -16.86 -3.16 -18.54
N GLY A 884 -17.37 -2.07 -17.95
CA GLY A 884 -18.79 -1.84 -17.89
C GLY A 884 -19.56 -2.78 -16.98
N GLU A 885 -18.88 -3.69 -16.29
CA GLU A 885 -19.53 -4.51 -15.29
C GLU A 885 -20.13 -3.65 -14.19
N ARG A 886 -21.30 -4.06 -13.68
CA ARG A 886 -21.81 -3.45 -12.45
C ARG A 886 -21.12 -4.12 -11.27
N ALA A 887 -20.60 -3.31 -10.35
CA ALA A 887 -19.92 -3.81 -9.16
C ALA A 887 -20.40 -3.02 -7.95
N TYR A 888 -20.36 -3.69 -6.79
CA TYR A 888 -20.66 -3.05 -5.52
C TYR A 888 -19.36 -2.71 -4.79
N LEU A 889 -19.21 -1.44 -4.40
CA LEU A 889 -17.99 -0.91 -3.81
C LEU A 889 -18.05 -1.19 -2.31
N THR A 890 -17.35 -2.23 -1.87
CA THR A 890 -17.56 -2.71 -0.50
C THR A 890 -17.14 -1.71 0.56
N GLY A 891 -16.36 -0.70 0.23
CA GLY A 891 -15.66 0.02 1.26
C GLY A 891 -14.62 -0.77 2.00
N ASP A 892 -14.44 -2.06 1.72
CA ASP A 892 -13.36 -2.86 2.30
C ASP A 892 -12.07 -2.69 1.50
N PHE A 893 -10.93 -2.83 2.19
CA PHE A 893 -9.63 -2.66 1.57
C PHE A 893 -8.80 -3.90 1.76
N GLY A 894 -8.21 -4.36 0.68
CA GLY A 894 -7.37 -5.52 0.70
C GLY A 894 -6.45 -5.47 -0.47
N ARG A 895 -5.98 -6.65 -0.87
CA ARG A 895 -4.96 -6.70 -1.90
C ARG A 895 -4.88 -8.12 -2.42
N LEU A 896 -4.54 -8.24 -3.70
CA LEU A 896 -4.52 -9.53 -4.37
C LEU A 896 -3.29 -10.34 -3.98
N LEU A 897 -3.47 -11.58 -3.65
CA LEU A 897 -2.33 -12.42 -3.37
C LEU A 897 -1.89 -13.18 -4.63
N PRO A 898 -0.66 -13.69 -4.67
CA PRO A 898 -0.16 -14.22 -5.93
C PRO A 898 -0.90 -15.46 -6.41
N ASP A 899 -1.56 -16.19 -5.50
CA ASP A 899 -2.26 -17.42 -5.84
C ASP A 899 -3.73 -17.18 -6.20
N GLY A 900 -4.12 -15.93 -6.38
CA GLY A 900 -5.48 -15.61 -6.75
C GLY A 900 -6.33 -15.15 -5.60
N GLY A 901 -5.87 -15.34 -4.35
CA GLY A 901 -6.67 -15.03 -3.19
C GLY A 901 -6.65 -13.56 -2.88
N ILE A 902 -7.47 -13.16 -1.94
CA ILE A 902 -7.45 -11.79 -1.46
C ILE A 902 -7.05 -11.79 0.01
N GLU A 903 -6.27 -10.78 0.41
CA GLU A 903 -5.94 -10.54 1.81
C GLU A 903 -6.75 -9.35 2.29
N ILE A 904 -7.56 -9.55 3.32
CA ILE A 904 -8.39 -8.45 3.84
C ILE A 904 -7.54 -7.59 4.78
N LEU A 905 -7.53 -6.31 4.53
CA LEU A 905 -6.61 -5.40 5.20
C LEU A 905 -7.23 -4.46 6.22
N GLY A 906 -8.47 -4.06 6.07
CA GLY A 906 -9.09 -3.20 7.04
C GLY A 906 -10.17 -2.35 6.42
N ARG A 907 -10.68 -1.40 7.24
CA ARG A 907 -11.74 -0.45 6.89
C ARG A 907 -12.99 -1.13 6.33
N THR A 1027 7.35 24.06 30.44
CA THR A 1027 6.43 24.94 29.74
C THR A 1027 6.84 26.42 29.84
N ASP A 1028 8.13 26.65 30.10
CA ASP A 1028 8.74 27.95 29.85
C ASP A 1028 9.03 28.14 28.37
N VAL A 1029 9.42 27.06 27.70
CA VAL A 1029 9.47 27.07 26.25
C VAL A 1029 8.08 27.33 25.67
N GLY A 1030 7.05 26.83 26.35
CA GLY A 1030 5.69 27.02 25.85
C GLY A 1030 5.29 28.48 25.77
N LEU A 1031 5.79 29.30 26.71
CA LEU A 1031 5.50 30.72 26.72
C LEU A 1031 6.42 31.50 25.79
N LEU A 1032 7.66 31.02 25.60
CA LEU A 1032 8.50 31.61 24.57
C LEU A 1032 7.99 31.29 23.17
N ALA A 1033 7.35 30.13 22.99
CA ALA A 1033 6.73 29.82 21.70
C ALA A 1033 5.50 30.70 21.46
N GLU A 1034 4.64 30.88 22.47
CA GLU A 1034 3.55 31.84 22.33
C GLU A 1034 4.10 33.24 22.02
N LEU A 1035 5.27 33.57 22.58
CA LEU A 1035 5.88 34.88 22.33
C LEU A 1035 6.38 34.96 20.90
N VAL A 1036 7.19 33.97 20.48
CA VAL A 1036 7.69 33.93 19.10
C VAL A 1036 6.52 34.06 18.14
N ALA A 1037 5.45 33.29 18.39
CA ALA A 1037 4.34 33.23 17.44
C ALA A 1037 3.59 34.55 17.38
N ALA A 1038 3.50 35.27 18.49
CA ALA A 1038 2.80 36.55 18.48
C ALA A 1038 3.58 37.59 17.69
N CYS A 1039 4.89 37.66 17.93
CA CYS A 1039 5.78 38.49 17.11
C CYS A 1039 5.69 38.11 15.63
N VAL A 1040 5.59 36.80 15.33
CA VAL A 1040 5.51 36.34 13.95
C VAL A 1040 4.16 36.71 13.34
N ALA A 1041 3.09 36.68 14.16
CA ALA A 1041 1.76 37.01 13.66
C ALA A 1041 1.68 38.47 13.27
N GLU A 1042 2.32 39.33 14.07
CA GLU A 1042 2.34 40.76 13.76
C GLU A 1042 3.16 41.04 12.51
N LEU A 1043 4.33 40.41 12.42
CA LEU A 1043 5.27 40.69 11.34
C LEU A 1043 4.73 40.26 9.99
N LEU A 1044 3.89 39.24 9.94
CA LEU A 1044 3.33 38.77 8.68
C LEU A 1044 1.95 39.34 8.38
N GLY A 1045 1.32 40.02 9.33
CA GLY A 1045 0.00 40.60 9.12
C GLY A 1045 -1.17 39.70 9.44
N LEU A 1046 -1.00 38.66 10.26
CA LEU A 1046 -1.99 37.61 10.45
C LEU A 1046 -2.69 37.77 11.78
N ASP A 1047 -3.96 37.33 11.84
CA ASP A 1047 -4.71 37.42 13.09
C ASP A 1047 -4.02 36.56 14.16
N GLU A 1048 -4.15 35.23 14.07
CA GLU A 1048 -3.51 34.30 15.00
C GLU A 1048 -2.49 33.45 14.23
N VAL A 1049 -1.46 32.98 14.93
CA VAL A 1049 -0.49 32.07 14.32
C VAL A 1049 -0.13 30.97 15.32
N PRO A 1050 -0.16 29.69 14.92
CA PRO A 1050 0.07 28.60 15.87
C PRO A 1050 1.55 28.32 16.14
N THR A 1051 1.84 27.94 17.39
CA THR A 1051 3.22 27.61 17.74
C THR A 1051 3.78 26.51 16.84
N THR A 1052 2.95 25.54 16.47
CA THR A 1052 3.40 24.44 15.61
C THR A 1052 3.71 24.88 14.18
N GLY A 1053 3.24 26.05 13.76
CA GLY A 1053 3.39 26.47 12.37
C GLY A 1053 4.85 26.65 11.96
N ASN A 1054 5.15 26.27 10.71
CA ASN A 1054 6.46 26.55 10.16
C ASN A 1054 6.48 27.99 9.66
N PHE A 1055 7.51 28.75 10.06
CA PHE A 1055 7.50 30.19 9.82
C PHE A 1055 7.30 30.53 8.35
N PHE A 1056 7.98 29.82 7.44
CA PHE A 1056 7.97 30.16 6.01
C PHE A 1056 6.71 29.69 5.32
N ARG A 1057 6.06 28.65 5.85
CA ARG A 1057 4.77 28.23 5.31
C ARG A 1057 3.67 29.19 5.73
N LEU A 1058 3.78 29.75 6.95
CA LEU A 1058 2.80 30.72 7.42
C LEU A 1058 2.79 32.00 6.59
N GLY A 1059 3.87 32.27 5.83
CA GLY A 1059 3.91 33.44 4.97
C GLY A 1059 5.27 34.11 4.91
N GLY A 1060 6.24 33.59 5.65
CA GLY A 1060 7.52 34.25 5.77
C GLY A 1060 8.42 33.94 4.59
N ASP A 1061 9.00 34.97 4.00
CA ASP A 1061 10.04 34.74 3.01
C ASP A 1061 11.40 34.93 3.69
N ALA A 1062 12.43 35.19 2.89
CA ALA A 1062 13.78 35.29 3.43
C ALA A 1062 14.13 36.68 3.90
N LEU A 1063 13.53 37.72 3.28
CA LEU A 1063 13.79 39.07 3.71
C LEU A 1063 13.01 39.42 4.98
N SER A 1064 11.91 38.69 5.23
CA SER A 1064 11.10 38.85 6.43
C SER A 1064 11.42 37.82 7.51
N GLY A 1065 12.23 36.81 7.19
CA GLY A 1065 12.78 35.98 8.24
C GLY A 1065 13.96 36.61 8.93
N THR A 1066 14.62 37.58 8.27
CA THR A 1066 15.67 38.41 8.86
C THR A 1066 15.12 39.36 9.92
N ARG A 1067 13.98 40.01 9.62
CA ARG A 1067 13.36 40.90 10.58
C ARG A 1067 12.86 40.14 11.80
N LEU A 1068 12.42 38.90 11.61
CA LEU A 1068 11.97 38.11 12.75
C LEU A 1068 13.11 37.97 13.76
N ALA A 1069 14.33 37.70 13.30
CA ALA A 1069 15.46 37.66 14.21
C ALA A 1069 15.68 39.03 14.85
N SER A 1070 15.40 40.11 14.11
CA SER A 1070 15.60 41.46 14.63
C SER A 1070 14.58 41.79 15.71
N ARG A 1071 13.29 41.58 15.43
CA ARG A 1071 12.25 41.94 16.40
C ARG A 1071 12.28 41.05 17.65
N LEU A 1072 12.73 39.80 17.53
CA LEU A 1072 12.88 38.98 18.73
C LEU A 1072 14.02 39.49 19.60
N GLN A 1073 15.13 39.91 18.98
CA GLN A 1073 16.25 40.52 19.71
C GLN A 1073 15.80 41.72 20.51
N ASP A 1074 15.04 42.61 19.87
CA ASP A 1074 14.46 43.74 20.58
C ASP A 1074 13.60 43.24 21.73
N LEU A 1075 12.49 42.56 21.42
CA LEU A 1075 11.50 42.18 22.41
C LEU A 1075 12.13 41.45 23.62
N LEU A 1076 13.01 40.49 23.38
CA LEU A 1076 13.55 39.68 24.47
C LEU A 1076 14.77 40.30 25.15
N GLY A 1077 15.42 41.28 24.54
CA GLY A 1077 16.68 41.76 25.06
C GLY A 1077 17.78 40.74 25.06
N ALA A 1078 17.74 39.80 24.14
CA ALA A 1078 18.70 38.74 24.00
C ALA A 1078 19.05 38.62 22.52
N PRO A 1079 20.27 38.22 22.17
CA PRO A 1079 20.62 38.05 20.75
C PRO A 1079 19.95 36.80 20.18
N VAL A 1080 19.21 37.00 19.10
CA VAL A 1080 18.67 35.91 18.32
C VAL A 1080 19.33 36.00 16.94
N PRO A 1081 20.38 35.22 16.71
CA PRO A 1081 21.11 35.31 15.44
C PRO A 1081 20.27 34.79 14.28
N ILE A 1082 20.57 35.29 13.07
CA ILE A 1082 19.76 34.92 11.91
C ILE A 1082 19.81 33.41 11.67
N ARG A 1083 20.98 32.80 11.88
CA ARG A 1083 21.13 31.34 11.83
C ARG A 1083 20.06 30.65 12.69
N THR A 1084 19.79 31.18 13.89
CA THR A 1084 18.85 30.53 14.80
C THR A 1084 17.41 30.60 14.28
N VAL A 1085 17.05 31.66 13.54
CA VAL A 1085 15.69 31.76 13.01
C VAL A 1085 15.49 30.79 11.83
N PHE A 1086 16.51 30.56 11.02
CA PHE A 1086 16.35 29.74 9.83
C PHE A 1086 16.51 28.24 10.12
N GLY A 1087 17.55 27.85 10.85
CA GLY A 1087 17.72 26.46 11.23
C GLY A 1087 16.63 25.93 12.18
N ASN A 1088 15.66 26.80 12.47
CA ASN A 1088 14.49 26.45 13.29
C ASN A 1088 13.26 27.12 12.71
N PRO A 1089 12.76 26.63 11.57
CA PRO A 1089 11.61 27.28 10.96
C PRO A 1089 10.34 27.10 11.78
N VAL A 1090 10.15 25.93 12.40
CA VAL A 1090 8.95 25.66 13.22
C VAL A 1090 9.00 26.56 14.45
N LEU A 1091 7.89 27.22 14.76
CA LEU A 1091 7.95 28.25 15.80
C LEU A 1091 8.24 27.65 17.18
N GLY A 1092 7.59 26.54 17.53
CA GLY A 1092 7.99 25.79 18.71
C GLY A 1092 9.48 25.47 18.73
N ASP A 1093 10.05 25.05 17.58
CA ASP A 1093 11.46 24.72 17.51
C ASP A 1093 12.34 25.94 17.78
N LEU A 1094 11.94 27.12 17.25
CA LEU A 1094 12.71 28.34 17.47
C LEU A 1094 12.69 28.77 18.92
N ALA A 1095 11.51 28.73 19.57
CA ALA A 1095 11.43 28.96 21.01
C ALA A 1095 12.41 28.07 21.77
N SER A 1096 12.36 26.75 21.51
CA SER A 1096 13.28 25.83 22.17
C SER A 1096 14.72 26.18 21.86
N ALA A 1097 15.00 26.63 20.64
CA ALA A 1097 16.37 27.02 20.30
C ALA A 1097 16.79 28.27 21.06
N ILE A 1098 15.88 29.22 21.26
CA ILE A 1098 16.20 30.42 22.01
C ILE A 1098 16.22 30.12 23.51
N ALA A 1099 15.28 29.32 24.01
CA ALA A 1099 15.21 29.04 25.45
C ALA A 1099 16.43 28.26 25.93
N GLY A 1100 16.93 27.33 25.14
CA GLY A 1100 18.15 26.62 25.50
C GLY A 1100 19.40 27.21 24.87
N ASP A 1101 19.36 28.50 24.52
CA ASP A 1101 20.55 29.20 24.03
C ASP A 1101 21.46 29.53 25.21
N PRO A 1102 22.70 28.99 25.26
CA PRO A 1102 23.61 29.45 26.33
C PRO A 1102 23.81 30.96 26.29
N ALA A 1103 23.96 31.52 25.08
CA ALA A 1103 24.25 32.94 24.89
C ALA A 1103 23.27 33.82 25.66
N ALA A 1104 21.97 33.56 25.56
CA ALA A 1104 20.99 34.41 26.24
C ALA A 1104 19.60 33.78 26.36
N GLY A 1105 19.57 32.54 26.78
CA GLY A 1105 18.32 31.85 27.05
C GLY A 1105 17.54 32.36 28.23
N PRO A 1106 18.20 32.54 29.40
CA PRO A 1106 17.44 32.87 30.62
C PRO A 1106 16.72 34.21 30.53
N GLN A 1107 17.41 35.24 30.01
CA GLN A 1107 16.75 36.51 29.74
C GLN A 1107 15.48 36.30 28.92
N ALA A 1108 15.61 35.59 27.78
CA ALA A 1108 14.46 35.32 26.92
C ALA A 1108 13.36 34.54 27.63
N ILE A 1109 13.73 33.68 28.59
CA ILE A 1109 12.74 32.95 29.37
C ILE A 1109 11.93 33.90 30.25
N ARG A 1110 12.61 34.89 30.84
CA ARG A 1110 11.95 35.85 31.74
C ARG A 1110 10.91 36.69 31.01
N VAL A 1111 11.31 37.32 29.90
CA VAL A 1111 10.40 38.16 29.12
C VAL A 1111 9.17 37.37 28.72
N ALA A 1112 9.35 36.09 28.40
CA ALA A 1112 8.25 35.24 27.95
C ALA A 1112 7.10 35.23 28.95
N ARG A 1113 7.44 35.17 30.24
CA ARG A 1113 6.47 35.06 31.34
C ARG A 1113 5.71 36.38 31.58
N LEU A 1114 5.62 37.23 30.55
CA LEU A 1114 4.87 38.50 30.58
C LEU A 1114 5.28 39.33 31.81
#